data_1IC9
#
_entry.id   1IC9
#
_cell.length_a   1.000
_cell.length_b   1.000
_cell.length_c   1.000
_cell.angle_alpha   90.00
_cell.angle_beta   90.00
_cell.angle_gamma   90.00
#
_symmetry.space_group_name_H-M   'P 1'
#
_entity_poly.entity_id   1
_entity_poly.type   'polypeptide(L)'
_entity_poly.pdbx_seq_one_letter_code
;SKYEYTI(DPR)SYTFRGPGCPTLKP(DAL)ITVRCE
;
_entity_poly.pdbx_strand_id   A
#
# COMPACT_ATOMS: atom_id res chain seq x y z
N SER A 1 -13.01 -1.44 -1.04
CA SER A 1 -11.82 -0.58 -1.26
C SER A 1 -10.67 -1.10 -0.39
N LYS A 2 -9.51 -1.42 -1.03
CA LYS A 2 -8.28 -1.91 -0.36
C LYS A 2 -7.01 -1.34 -1.05
N TYR A 3 -6.02 -0.92 -0.24
CA TYR A 3 -4.63 -0.63 -0.66
C TYR A 3 -3.88 -1.98 -0.70
N GLU A 4 -3.14 -2.21 -1.81
CA GLU A 4 -2.25 -3.39 -1.95
C GLU A 4 -0.89 -2.69 -1.81
N TYR A 5 -0.33 -2.76 -0.59
CA TYR A 5 0.81 -1.92 -0.20
C TYR A 5 1.96 -2.86 0.24
N THR A 6 2.85 -3.20 -0.72
CA THR A 6 4.14 -3.89 -0.48
C THR A 6 5.18 -2.79 -0.13
N ILE A 7 5.85 -3.00 1.01
CA ILE A 7 6.96 -2.12 1.47
C ILE A 7 8.25 -2.88 0.97
N DPR A 8 9.02 -2.51 -0.12
CA DPR A 8 10.08 -3.40 -0.68
CB DPR A 8 10.98 -2.39 -1.42
CG DPR A 8 10.08 -1.23 -1.87
CD DPR A 8 8.99 -1.19 -0.80
C DPR A 8 9.45 -4.54 -1.54
O DPR A 8 9.18 -4.39 -2.74
HA DPR A 8 10.66 -3.83 0.16
HB2 DPR A 8 11.75 -2.01 -0.73
HB3 DPR A 8 11.51 -2.85 -2.28
HG2 DPR A 8 10.63 -0.28 -1.97
HG3 DPR A 8 9.62 -1.46 -2.85
HD2 DPR A 8 9.18 -0.40 -0.03
HD3 DPR A 8 7.98 -0.98 -1.20
N SER A 9 9.17 -5.65 -0.84
CA SER A 9 8.35 -6.80 -1.34
C SER A 9 7.32 -7.34 -0.28
N TYR A 10 7.16 -6.66 0.88
CA TYR A 10 6.43 -7.17 2.05
C TYR A 10 4.96 -6.67 2.00
N THR A 11 4.02 -7.52 1.54
CA THR A 11 2.61 -7.13 1.27
C THR A 11 1.79 -7.16 2.60
N PHE A 12 0.94 -6.14 2.77
CA PHE A 12 -0.12 -6.12 3.82
C PHE A 12 -1.37 -5.54 3.11
N ARG A 13 -2.54 -6.17 3.26
CA ARG A 13 -3.77 -5.81 2.48
C ARG A 13 -4.93 -5.64 3.49
N GLY A 14 -5.57 -4.45 3.50
CA GLY A 14 -6.65 -4.13 4.48
C GLY A 14 -7.68 -3.04 4.02
N PRO A 15 -8.42 -2.20 4.86
CA PRO A 15 -9.55 -1.33 4.37
C PRO A 15 -9.31 0.23 4.35
N GLY A 16 -8.11 0.55 3.86
CA GLY A 16 -7.49 1.88 4.00
C GLY A 16 -6.72 2.34 2.75
N CYS A 17 -6.49 3.67 2.64
CA CYS A 17 -5.59 4.28 1.62
C CYS A 17 -4.87 5.51 2.32
N PRO A 18 -3.79 5.39 3.18
CA PRO A 18 -3.00 6.55 3.66
C PRO A 18 -1.89 6.99 2.64
N THR A 19 -1.37 8.23 2.80
CA THR A 19 -0.16 8.71 2.04
C THR A 19 1.15 8.14 2.69
N LEU A 20 2.12 7.77 1.83
CA LEU A 20 3.34 7.01 2.24
C LEU A 20 4.60 7.54 1.48
N LYS A 21 5.79 7.45 2.14
CA LYS A 21 7.16 7.68 1.58
C LYS A 21 7.40 7.37 0.04
N PRO A 22 8.30 8.00 -0.80
CA PRO A 22 8.49 7.59 -2.23
C PRO A 22 9.23 6.22 -2.40
N DAL A 23 8.84 5.48 -3.45
CA DAL A 23 9.31 4.09 -3.72
CB DAL A 23 9.29 3.88 -5.23
C DAL A 23 8.54 2.91 -3.03
O DAL A 23 9.13 1.84 -2.93
H DAL A 23 8.11 5.91 -4.04
HA DAL A 23 10.36 3.99 -3.38
HB1 DAL A 23 9.91 4.63 -5.75
HB2 DAL A 23 9.68 2.88 -5.51
HB3 DAL A 23 8.26 3.95 -5.63
N ILE A 24 7.26 3.09 -2.62
CA ILE A 24 6.36 1.99 -2.14
C ILE A 24 5.35 1.86 -3.33
N THR A 25 5.12 0.62 -3.79
CA THR A 25 4.02 0.30 -4.77
C THR A 25 2.62 0.01 -4.13
N VAL A 26 2.22 1.10 -3.51
CA VAL A 26 0.93 1.34 -2.82
C VAL A 26 -0.10 1.73 -3.95
N ARG A 27 -1.09 0.84 -4.12
CA ARG A 27 -2.03 0.86 -5.26
C ARG A 27 -3.44 0.84 -4.59
N CYS A 28 -4.00 2.06 -4.41
CA CYS A 28 -5.27 2.29 -3.68
C CYS A 28 -6.53 1.77 -4.44
N GLU A 29 -7.43 1.12 -3.68
CA GLU A 29 -8.69 0.45 -4.16
C GLU A 29 -8.36 -0.80 -4.99
N SER A 1 -12.13 1.71 1.16
CA SER A 1 -11.19 1.71 0.03
C SER A 1 -9.92 0.93 0.42
N LYS A 2 -9.55 -0.08 -0.42
CA LYS A 2 -8.39 -0.97 -0.20
C LYS A 2 -7.04 -0.26 -0.61
N TYR A 3 -5.92 -0.78 -0.06
CA TYR A 3 -4.54 -0.46 -0.45
C TYR A 3 -3.83 -1.83 -0.53
N GLU A 4 -3.17 -2.10 -1.67
CA GLU A 4 -2.23 -3.23 -1.83
C GLU A 4 -0.90 -2.46 -1.79
N TYR A 5 -0.29 -2.45 -0.58
CA TYR A 5 0.83 -1.54 -0.28
C TYR A 5 2.02 -2.43 0.18
N THR A 6 2.90 -2.79 -0.77
CA THR A 6 4.05 -3.69 -0.53
C THR A 6 5.27 -2.76 -0.27
N ILE A 7 5.90 -3.01 0.88
CA ILE A 7 7.02 -2.20 1.41
C ILE A 7 8.30 -3.02 0.98
N DPR A 8 9.19 -2.64 -0.03
CA DPR A 8 10.34 -3.49 -0.42
CB DPR A 8 11.27 -2.49 -1.13
CG DPR A 8 10.37 -1.38 -1.69
CD DPR A 8 9.25 -1.30 -0.67
C DPR A 8 9.88 -4.72 -1.26
O DPR A 8 9.73 -4.67 -2.49
HA DPR A 8 10.85 -3.84 0.50
HB2 DPR A 8 11.97 -2.06 -0.39
HB3 DPR A 8 11.88 -2.97 -1.92
HG2 DPR A 8 10.91 -0.42 -1.81
HG3 DPR A 8 9.97 -1.68 -2.67
HD2 DPR A 8 9.41 -0.54 0.12
HD3 DPR A 8 8.26 -1.06 -1.11
N SER A 9 9.60 -5.81 -0.52
CA SER A 9 8.92 -7.04 -1.01
C SER A 9 7.79 -7.57 -0.06
N TYR A 10 7.42 -6.82 1.01
CA TYR A 10 6.54 -7.31 2.10
C TYR A 10 5.12 -6.72 1.90
N THR A 11 4.10 -7.56 1.56
CA THR A 11 2.74 -7.10 1.20
C THR A 11 1.86 -7.07 2.49
N PHE A 12 1.02 -6.01 2.60
CA PHE A 12 -0.06 -5.92 3.63
C PHE A 12 -1.32 -5.42 2.86
N ARG A 13 -2.46 -6.12 3.02
CA ARG A 13 -3.69 -5.85 2.22
C ARG A 13 -4.85 -5.74 3.24
N GLY A 14 -5.51 -4.56 3.30
CA GLY A 14 -6.60 -4.27 4.26
C GLY A 14 -7.63 -3.17 3.83
N PRO A 15 -8.36 -2.35 4.69
CA PRO A 15 -9.48 -1.45 4.23
C PRO A 15 -9.26 0.11 4.24
N GLY A 16 -8.02 0.44 3.89
CA GLY A 16 -7.43 1.78 4.06
C GLY A 16 -6.71 2.29 2.79
N CYS A 17 -6.52 3.63 2.69
CA CYS A 17 -5.64 4.27 1.66
C CYS A 17 -4.97 5.54 2.33
N PRO A 18 -3.92 5.47 3.23
CA PRO A 18 -3.22 6.67 3.78
C PRO A 18 -2.10 7.22 2.82
N THR A 19 -1.47 8.38 3.16
CA THR A 19 -0.25 8.89 2.47
C THR A 19 1.01 8.05 2.91
N LEU A 20 1.86 7.73 1.92
CA LEU A 20 2.96 6.73 2.05
C LEU A 20 4.23 7.20 1.30
N LYS A 21 5.41 6.89 1.90
CA LYS A 21 6.76 7.30 1.45
C LYS A 21 7.13 7.06 -0.07
N PRO A 22 8.06 7.78 -0.83
CA PRO A 22 8.38 7.44 -2.24
C PRO A 22 9.16 6.10 -2.40
N DAL A 23 8.86 5.36 -3.49
CA DAL A 23 9.35 3.98 -3.71
CB DAL A 23 9.34 3.75 -5.23
C DAL A 23 8.60 2.80 -3.02
O DAL A 23 9.21 1.72 -2.93
H DAL A 23 8.14 5.79 -4.09
HA DAL A 23 10.41 3.91 -3.38
HB1 DAL A 23 9.76 2.75 -5.49
HB2 DAL A 23 8.32 3.80 -5.64
HB3 DAL A 23 9.95 4.50 -5.76
N ILE A 24 7.32 2.96 -2.59
CA ILE A 24 6.44 1.85 -2.12
C ILE A 24 5.42 1.75 -3.30
N THR A 25 5.15 0.51 -3.75
CA THR A 25 4.03 0.23 -4.71
C THR A 25 2.69 0.03 -3.93
N VAL A 26 2.02 1.16 -3.99
CA VAL A 26 0.79 1.50 -3.24
C VAL A 26 -0.25 1.53 -4.40
N ARG A 27 -1.22 0.60 -4.34
CA ARG A 27 -2.25 0.41 -5.39
C ARG A 27 -3.60 0.48 -4.61
N CYS A 28 -4.19 1.70 -4.57
CA CYS A 28 -5.45 2.00 -3.83
C CYS A 28 -6.68 1.47 -4.63
N GLU A 29 -7.13 0.26 -4.20
CA GLU A 29 -8.28 -0.54 -4.76
C GLU A 29 -7.85 -1.19 -6.08
N SER A 1 -12.16 1.26 0.82
CA SER A 1 -11.13 1.28 -0.25
C SER A 1 -9.83 0.64 0.29
N LYS A 2 -9.31 -0.37 -0.44
CA LYS A 2 -8.08 -1.13 -0.09
C LYS A 2 -6.78 -0.30 -0.45
N TYR A 3 -5.65 -0.69 0.17
CA TYR A 3 -4.28 -0.29 -0.16
C TYR A 3 -3.61 -1.67 -0.31
N GLU A 4 -3.15 -2.00 -1.54
CA GLU A 4 -2.31 -3.20 -1.78
C GLU A 4 -0.92 -2.54 -1.88
N TYR A 5 -0.21 -2.60 -0.73
CA TYR A 5 0.99 -1.78 -0.52
C TYR A 5 2.10 -2.74 -0.03
N THR A 6 3.02 -3.13 -0.96
CA THR A 6 4.23 -3.91 -0.64
C THR A 6 5.34 -2.93 -0.21
N ILE A 7 5.88 -3.17 1.00
CA ILE A 7 6.99 -2.36 1.57
C ILE A 7 8.30 -3.12 1.07
N DPR A 8 9.13 -2.68 0.05
CA DPR A 8 10.19 -3.53 -0.55
CB DPR A 8 11.15 -2.49 -1.15
CG DPR A 8 10.29 -1.26 -1.52
CD DPR A 8 9.17 -1.29 -0.51
C DPR A 8 9.56 -4.56 -1.53
O DPR A 8 9.33 -4.28 -2.72
HA DPR A 8 10.72 -4.05 0.27
HB2 DPR A 8 11.89 -2.19 -0.40
HB3 DPR A 8 11.70 -2.89 -2.02
HG2 DPR A 8 10.87 -0.32 -1.50
HG3 DPR A 8 9.89 -1.39 -2.54
HD2 DPR A 8 9.32 -0.58 0.33
HD3 DPR A 8 8.18 -1.04 -0.93
N SER A 9 9.23 -5.73 -0.95
CA SER A 9 8.37 -6.79 -1.58
C SER A 9 7.34 -7.42 -0.57
N TYR A 10 7.14 -6.81 0.62
CA TYR A 10 6.39 -7.41 1.75
C TYR A 10 4.95 -6.83 1.73
N THR A 11 3.96 -7.65 1.30
CA THR A 11 2.56 -7.19 1.06
C THR A 11 1.77 -7.21 2.39
N PHE A 12 0.95 -6.16 2.60
CA PHE A 12 -0.07 -6.11 3.70
C PHE A 12 -1.34 -5.52 3.04
N ARG A 13 -2.50 -6.18 3.18
CA ARG A 13 -3.74 -5.80 2.44
C ARG A 13 -4.87 -5.65 3.49
N GLY A 14 -5.49 -4.45 3.55
CA GLY A 14 -6.60 -4.14 4.49
C GLY A 14 -7.65 -3.10 3.96
N PRO A 15 -8.49 -2.31 4.73
CA PRO A 15 -9.58 -1.45 4.15
C PRO A 15 -9.37 0.11 4.15
N GLY A 16 -8.11 0.47 3.86
CA GLY A 16 -7.55 1.81 4.05
C GLY A 16 -6.80 2.31 2.81
N CYS A 17 -6.70 3.65 2.65
CA CYS A 17 -5.81 4.30 1.63
C CYS A 17 -5.12 5.54 2.33
N PRO A 18 -4.05 5.44 3.20
CA PRO A 18 -3.28 6.61 3.71
C PRO A 18 -2.21 7.12 2.69
N THR A 19 -1.64 8.34 2.92
CA THR A 19 -0.46 8.86 2.17
C THR A 19 0.86 8.17 2.66
N LEU A 20 1.74 7.83 1.70
CA LEU A 20 2.94 6.97 1.90
C LEU A 20 4.12 7.53 1.06
N LYS A 21 5.30 7.60 1.69
CA LYS A 21 6.55 8.17 1.13
C LYS A 21 7.09 7.50 -0.21
N PRO A 22 7.99 8.08 -1.10
CA PRO A 22 8.39 7.44 -2.38
C PRO A 22 9.26 6.16 -2.22
N DAL A 23 9.05 5.19 -3.12
CA DAL A 23 9.67 3.84 -3.04
CB DAL A 23 10.04 3.45 -4.49
C DAL A 23 8.83 2.68 -2.41
O DAL A 23 9.44 1.65 -2.09
H DAL A 23 8.34 5.41 -3.83
HA DAL A 23 10.61 3.88 -2.48
HB1 DAL A 23 10.56 2.47 -4.52
HB2 DAL A 23 9.15 3.37 -5.12
HB3 DAL A 23 10.73 4.19 -4.95
N ILE A 24 7.49 2.81 -2.28
CA ILE A 24 6.57 1.71 -1.88
C ILE A 24 5.60 1.65 -3.11
N THR A 25 5.32 0.41 -3.60
CA THR A 25 4.33 0.16 -4.68
C THR A 25 2.91 0.00 -4.01
N VAL A 26 2.28 1.16 -3.95
CA VAL A 26 1.01 1.43 -3.22
C VAL A 26 -0.04 1.48 -4.38
N ARG A 27 -1.08 0.62 -4.30
CA ARG A 27 -2.13 0.50 -5.34
C ARG A 27 -3.44 0.52 -4.52
N CYS A 28 -4.09 1.72 -4.46
CA CYS A 28 -5.34 1.95 -3.70
C CYS A 28 -6.56 1.31 -4.44
N GLU A 29 -6.81 0.03 -4.05
CA GLU A 29 -7.90 -0.88 -4.56
C GLU A 29 -7.73 -1.19 -6.06
N SER A 1 -12.10 1.21 0.25
CA SER A 1 -10.82 1.28 -0.49
C SER A 1 -9.81 0.30 0.12
N LYS A 2 -9.28 -0.61 -0.70
CA LYS A 2 -8.26 -1.61 -0.30
C LYS A 2 -6.93 -1.19 -0.99
N TYR A 3 -5.95 -0.76 -0.17
CA TYR A 3 -4.55 -0.55 -0.56
C TYR A 3 -3.84 -1.92 -0.56
N GLU A 4 -3.22 -2.26 -1.71
CA GLU A 4 -2.31 -3.42 -1.83
C GLU A 4 -0.96 -2.68 -1.90
N TYR A 5 -0.29 -2.66 -0.73
CA TYR A 5 0.85 -1.76 -0.50
C TYR A 5 2.03 -2.63 -0.01
N THR A 6 2.92 -3.03 -0.96
CA THR A 6 4.15 -3.81 -0.69
C THR A 6 5.23 -2.82 -0.23
N ILE A 7 5.73 -3.04 1.01
CA ILE A 7 6.79 -2.20 1.65
C ILE A 7 8.14 -2.90 1.20
N DPR A 8 9.01 -2.42 0.24
CA DPR A 8 10.13 -3.22 -0.31
CB DPR A 8 11.08 -2.15 -0.88
CG DPR A 8 10.20 -0.96 -1.26
CD DPR A 8 9.04 -1.03 -0.28
C DPR A 8 9.58 -4.28 -1.32
O DPR A 8 9.36 -3.99 -2.52
HA DPR A 8 10.65 -3.74 0.53
HB2 DPR A 8 11.79 -1.83 -0.09
HB3 DPR A 8 11.68 -2.52 -1.73
HG2 DPR A 8 10.74 0.00 -1.23
HG3 DPR A 8 9.82 -1.09 -2.30
HD2 DPR A 8 9.15 -0.33 0.57
HD3 DPR A 8 8.06 -0.79 -0.74
N SER A 9 9.31 -5.48 -0.77
CA SER A 9 8.52 -6.57 -1.43
C SER A 9 7.52 -7.28 -0.45
N TYR A 10 7.22 -6.66 0.72
CA TYR A 10 6.48 -7.30 1.84
C TYR A 10 5.03 -6.79 1.74
N THR A 11 4.08 -7.65 1.32
CA THR A 11 2.70 -7.24 0.96
C THR A 11 1.86 -7.16 2.27
N PHE A 12 1.27 -5.98 2.50
CA PHE A 12 0.28 -5.75 3.59
C PHE A 12 -1.02 -5.28 2.88
N ARG A 13 -2.18 -5.78 3.35
CA ARG A 13 -3.49 -5.59 2.65
C ARG A 13 -4.59 -5.36 3.72
N GLY A 14 -5.37 -4.27 3.59
CA GLY A 14 -6.47 -3.96 4.55
C GLY A 14 -7.55 -2.94 4.03
N PRO A 15 -8.34 -2.11 4.83
CA PRO A 15 -9.47 -1.27 4.28
C PRO A 15 -9.26 0.29 4.28
N GLY A 16 -8.07 0.65 3.81
CA GLY A 16 -7.49 1.99 3.97
C GLY A 16 -6.71 2.45 2.71
N CYS A 17 -6.48 3.79 2.59
CA CYS A 17 -5.56 4.39 1.59
C CYS A 17 -4.91 5.66 2.29
N PRO A 18 -3.86 5.58 3.19
CA PRO A 18 -3.16 6.77 3.73
C PRO A 18 -2.04 7.32 2.77
N THR A 19 -1.41 8.46 3.11
CA THR A 19 -0.21 9.00 2.42
C THR A 19 1.04 8.20 2.89
N LEU A 20 1.77 7.68 1.89
CA LEU A 20 2.85 6.66 2.08
C LEU A 20 4.13 7.13 1.33
N LYS A 21 5.30 6.88 1.98
CA LYS A 21 6.64 7.35 1.56
C LYS A 21 7.11 6.97 0.09
N PRO A 22 8.11 7.63 -0.62
CA PRO A 22 8.48 7.28 -2.01
C PRO A 22 9.22 5.92 -2.14
N DAL A 23 8.91 5.19 -3.23
CA DAL A 23 9.37 3.80 -3.46
CB DAL A 23 9.41 3.57 -4.97
C DAL A 23 8.56 2.64 -2.80
O DAL A 23 9.12 1.54 -2.71
H DAL A 23 8.24 5.65 -3.86
HA DAL A 23 10.41 3.70 -3.09
HB1 DAL A 23 9.79 2.57 -5.23
HB2 DAL A 23 8.39 3.67 -5.40
HB3 DAL A 23 10.06 4.31 -5.48
N ILE A 24 7.29 2.85 -2.37
CA ILE A 24 6.36 1.75 -1.94
C ILE A 24 5.38 1.67 -3.16
N THR A 25 5.13 0.43 -3.64
CA THR A 25 4.14 0.15 -4.72
C THR A 25 2.72 -0.02 -4.05
N VAL A 26 2.08 1.13 -3.99
CA VAL A 26 0.80 1.39 -3.27
C VAL A 26 -0.25 1.41 -4.43
N ARG A 27 -1.27 0.54 -4.34
CA ARG A 27 -2.36 0.44 -5.34
C ARG A 27 -3.66 0.59 -4.51
N CYS A 28 -4.18 1.84 -4.44
CA CYS A 28 -5.40 2.20 -3.68
C CYS A 28 -6.69 1.77 -4.43
N GLU A 29 -7.56 1.04 -3.71
CA GLU A 29 -8.79 0.34 -4.19
C GLU A 29 -8.54 -0.58 -5.41
N SER A 1 -12.96 -0.55 -0.03
CA SER A 1 -11.66 -0.07 -0.56
C SER A 1 -10.50 -0.69 0.21
N LYS A 2 -9.48 -1.19 -0.53
CA LYS A 2 -8.23 -1.77 0.05
C LYS A 2 -6.98 -1.16 -0.65
N TYR A 3 -5.95 -0.82 0.15
CA TYR A 3 -4.58 -0.52 -0.32
C TYR A 3 -3.88 -1.90 -0.51
N GLU A 4 -3.14 -2.05 -1.61
CA GLU A 4 -2.22 -3.19 -1.80
C GLU A 4 -0.87 -2.44 -1.74
N TYR A 5 -0.24 -2.47 -0.55
CA TYR A 5 0.92 -1.61 -0.25
C TYR A 5 2.08 -2.53 0.17
N THR A 6 2.91 -2.93 -0.82
CA THR A 6 4.04 -3.88 -0.65
C THR A 6 5.29 -3.03 -0.34
N ILE A 7 5.98 -3.44 0.73
CA ILE A 7 7.07 -2.68 1.36
C ILE A 7 8.36 -3.44 0.90
N DPR A 8 9.26 -2.98 -0.04
CA DPR A 8 10.35 -3.82 -0.60
CB DPR A 8 11.25 -2.80 -1.34
CG DPR A 8 10.84 -1.42 -0.84
CD DPR A 8 9.36 -1.57 -0.50
C DPR A 8 9.82 -4.99 -1.50
O DPR A 8 9.60 -4.83 -2.71
HA DPR A 8 10.89 -4.24 0.26
HB2 DPR A 8 12.33 -3.00 -1.15
HB3 DPR A 8 11.12 -2.83 -2.43
HG2 DPR A 8 11.40 -1.16 0.07
HG3 DPR A 8 11.02 -0.63 -1.58
HD2 DPR A 8 9.04 -0.88 0.32
HD3 DPR A 8 8.65 -1.39 -1.33
N SER A 9 9.58 -6.13 -0.84
CA SER A 9 8.86 -7.31 -1.41
C SER A 9 7.72 -7.88 -0.52
N TYR A 10 7.39 -7.22 0.63
CA TYR A 10 6.50 -7.76 1.68
C TYR A 10 5.10 -7.12 1.61
N THR A 11 4.05 -7.89 1.27
CA THR A 11 2.69 -7.37 0.97
C THR A 11 1.87 -7.24 2.29
N PHE A 12 1.07 -6.15 2.37
CA PHE A 12 0.13 -5.86 3.48
C PHE A 12 -1.15 -5.28 2.82
N ARG A 13 -2.33 -5.76 3.25
CA ARG A 13 -3.61 -5.46 2.55
C ARG A 13 -4.68 -5.18 3.64
N GLY A 14 -5.27 -3.96 3.63
CA GLY A 14 -6.21 -3.50 4.69
C GLY A 14 -7.47 -2.71 4.19
N PRO A 15 -8.22 -1.78 4.92
CA PRO A 15 -9.54 -1.23 4.46
C PRO A 15 -9.64 0.31 4.12
N GLY A 16 -8.55 0.77 3.49
CA GLY A 16 -8.24 2.19 3.34
C GLY A 16 -7.21 2.51 2.24
N CYS A 17 -6.70 3.76 2.27
CA CYS A 17 -5.51 4.18 1.47
C CYS A 17 -4.82 5.39 2.24
N PRO A 18 -3.78 5.27 3.15
CA PRO A 18 -3.11 6.45 3.77
C PRO A 18 -2.06 7.14 2.83
N THR A 19 -1.57 8.35 3.20
CA THR A 19 -0.44 9.05 2.52
C THR A 19 0.90 8.36 2.93
N LEU A 20 1.67 7.97 1.90
CA LEU A 20 2.83 7.05 2.03
C LEU A 20 4.08 7.57 1.24
N LYS A 21 5.27 7.27 1.80
CA LYS A 21 6.60 7.71 1.30
C LYS A 21 6.94 7.37 -0.20
N PRO A 22 7.74 8.11 -1.06
CA PRO A 22 8.08 7.65 -2.44
C PRO A 22 9.11 6.49 -2.42
N DAL A 23 8.71 5.35 -3.03
CA DAL A 23 9.44 4.05 -2.95
CB DAL A 23 9.96 3.77 -4.36
C DAL A 23 8.63 2.81 -2.40
O DAL A 23 9.22 1.72 -2.34
H DAL A 23 7.79 5.41 -3.45
HA DAL A 23 10.33 4.15 -2.29
HB1 DAL A 23 9.14 3.66 -5.08
HB2 DAL A 23 10.54 2.83 -4.39
HB3 DAL A 23 10.64 4.57 -4.73
N ILE A 24 7.36 2.97 -1.99
CA ILE A 24 6.43 1.83 -1.67
C ILE A 24 5.52 1.77 -2.94
N THR A 25 5.24 0.53 -3.40
CA THR A 25 4.25 0.26 -4.48
C THR A 25 2.84 0.11 -3.81
N VAL A 26 2.18 1.25 -3.83
CA VAL A 26 0.91 1.54 -3.11
C VAL A 26 -0.12 1.57 -4.29
N ARG A 27 -1.16 0.72 -4.21
CA ARG A 27 -2.23 0.61 -5.22
C ARG A 27 -3.54 0.77 -4.39
N CYS A 28 -4.08 2.00 -4.42
CA CYS A 28 -5.33 2.39 -3.71
C CYS A 28 -6.60 1.71 -4.29
N GLU A 29 -7.53 1.30 -3.40
CA GLU A 29 -8.82 0.59 -3.69
C GLU A 29 -8.59 -0.78 -4.35
N SER A 1 -13.22 -0.99 -0.01
CA SER A 1 -12.04 -0.22 -0.47
C SER A 1 -10.79 -0.72 0.28
N LYS A 2 -9.73 -1.04 -0.49
CA LYS A 2 -8.42 -1.52 0.06
C LYS A 2 -7.23 -0.64 -0.47
N TYR A 3 -6.02 -0.90 0.07
CA TYR A 3 -4.72 -0.44 -0.45
C TYR A 3 -3.90 -1.75 -0.45
N GLU A 4 -3.28 -2.08 -1.60
CA GLU A 4 -2.41 -3.29 -1.73
C GLU A 4 -1.04 -2.61 -1.75
N TYR A 5 -0.40 -2.65 -0.57
CA TYR A 5 0.74 -1.80 -0.27
C TYR A 5 1.93 -2.69 0.11
N THR A 6 2.79 -2.99 -0.90
CA THR A 6 4.01 -3.82 -0.73
C THR A 6 5.15 -2.85 -0.35
N ILE A 7 5.78 -3.15 0.78
CA ILE A 7 6.84 -2.33 1.42
C ILE A 7 8.16 -3.07 0.95
N DPR A 8 9.04 -2.60 -0.01
CA DPR A 8 10.23 -3.37 -0.46
CB DPR A 8 11.13 -2.29 -1.09
CG DPR A 8 10.19 -1.18 -1.58
CD DPR A 8 9.05 -1.22 -0.57
C DPR A 8 9.83 -4.56 -1.38
O DPR A 8 9.67 -4.42 -2.59
HA DPR A 8 10.74 -3.76 0.46
HB2 DPR A 8 11.80 -1.88 -0.31
HB3 DPR A 8 11.77 -2.69 -1.89
HG2 DPR A 8 10.69 -0.20 -1.63
HG3 DPR A 8 9.81 -1.44 -2.58
HD2 DPR A 8 9.18 -0.50 0.27
HD3 DPR A 8 8.05 -0.98 -1.01
N SER A 9 9.63 -5.73 -0.72
CA SER A 9 9.01 -6.95 -1.33
C SER A 9 7.89 -7.61 -0.43
N TYR A 10 7.50 -6.97 0.70
CA TYR A 10 6.61 -7.56 1.72
C TYR A 10 5.19 -7.00 1.49
N THR A 11 4.19 -7.85 1.10
CA THR A 11 2.81 -7.37 0.77
C THR A 11 2.00 -7.26 2.09
N PHE A 12 1.39 -6.08 2.30
CA PHE A 12 0.45 -5.81 3.42
C PHE A 12 -0.86 -5.30 2.75
N ARG A 13 -2.02 -5.68 3.31
CA ARG A 13 -3.36 -5.46 2.66
C ARG A 13 -4.34 -5.06 3.80
N GLY A 14 -4.94 -3.84 3.69
CA GLY A 14 -5.84 -3.29 4.74
C GLY A 14 -7.16 -2.61 4.24
N PRO A 15 -8.05 -1.86 5.01
CA PRO A 15 -9.36 -1.34 4.50
C PRO A 15 -9.47 0.22 4.24
N GLY A 16 -8.37 0.71 3.66
CA GLY A 16 -8.06 2.14 3.57
C GLY A 16 -7.19 2.50 2.36
N CYS A 17 -6.81 3.80 2.27
CA CYS A 17 -5.77 4.28 1.31
C CYS A 17 -5.04 5.54 1.96
N PRO A 18 -4.09 5.44 2.96
CA PRO A 18 -3.27 6.60 3.42
C PRO A 18 -2.07 6.92 2.45
N THR A 19 -1.53 8.16 2.53
CA THR A 19 -0.31 8.61 1.80
C THR A 19 0.96 8.10 2.55
N LEU A 20 1.93 7.57 1.77
CA LEU A 20 3.12 6.85 2.31
C LEU A 20 4.42 7.37 1.61
N LYS A 21 5.55 7.37 2.35
CA LYS A 21 6.94 7.60 1.86
C LYS A 21 7.31 7.20 0.37
N PRO A 22 8.25 7.80 -0.46
CA PRO A 22 8.48 7.34 -1.86
C PRO A 22 9.20 5.95 -1.96
N DAL A 23 8.84 5.20 -3.01
CA DAL A 23 9.30 3.79 -3.23
CB DAL A 23 9.40 3.57 -4.74
C DAL A 23 8.45 2.64 -2.60
O DAL A 23 9.03 1.55 -2.46
H DAL A 23 8.14 5.62 -3.63
HA DAL A 23 10.32 3.68 -2.81
HB1 DAL A 23 10.08 4.31 -5.22
HB2 DAL A 23 9.80 2.57 -4.98
HB3 DAL A 23 8.41 3.66 -5.22
N ILE A 24 7.15 2.84 -2.29
CA ILE A 24 6.21 1.75 -1.87
C ILE A 24 5.23 1.67 -3.09
N THR A 25 4.97 0.42 -3.53
CA THR A 25 3.91 0.11 -4.57
C THR A 25 2.45 -0.08 -4.02
N VAL A 26 2.08 1.03 -3.44
CA VAL A 26 0.78 1.36 -2.80
C VAL A 26 -0.19 1.82 -3.93
N ARG A 27 -1.27 1.04 -4.11
CA ARG A 27 -2.22 1.20 -5.25
C ARG A 27 -3.59 0.83 -4.64
N CYS A 28 -4.45 1.85 -4.66
CA CYS A 28 -5.80 1.83 -4.05
C CYS A 28 -6.78 0.91 -4.83
N GLU A 29 -7.30 -0.13 -4.13
CA GLU A 29 -8.22 -1.20 -4.63
C GLU A 29 -7.61 -1.99 -5.81
N SER A 1 -11.81 1.56 0.60
CA SER A 1 -10.83 1.42 -0.50
C SER A 1 -9.68 0.50 -0.03
N LYS A 2 -9.40 -0.56 -0.81
CA LYS A 2 -8.36 -1.57 -0.50
C LYS A 2 -7.01 -1.11 -1.12
N TYR A 3 -6.06 -0.75 -0.23
CA TYR A 3 -4.64 -0.53 -0.55
C TYR A 3 -3.94 -1.91 -0.59
N GLU A 4 -3.18 -2.16 -1.67
CA GLU A 4 -2.27 -3.31 -1.76
C GLU A 4 -0.92 -2.58 -1.65
N TYR A 5 -0.37 -2.59 -0.41
CA TYR A 5 0.76 -1.72 -0.06
C TYR A 5 1.94 -2.62 0.34
N THR A 6 2.79 -2.93 -0.67
CA THR A 6 3.99 -3.78 -0.50
C THR A 6 5.17 -2.80 -0.30
N ILE A 7 5.88 -3.03 0.81
CA ILE A 7 7.01 -2.18 1.27
C ILE A 7 8.28 -3.01 0.84
N DPR A 8 9.14 -2.68 -0.19
CA DPR A 8 10.30 -3.53 -0.57
CB DPR A 8 11.21 -2.56 -1.35
CG DPR A 8 10.28 -1.49 -1.93
CD DPR A 8 9.17 -1.36 -0.91
C DPR A 8 9.84 -4.81 -1.33
O DPR A 8 9.69 -4.83 -2.56
HA DPR A 8 10.83 -3.83 0.36
HB2 DPR A 8 11.91 -2.07 -0.64
HB3 DPR A 8 11.81 -3.07 -2.12
HG2 DPR A 8 10.80 -0.53 -2.13
HG3 DPR A 8 9.87 -1.84 -2.90
HD2 DPR A 8 9.34 -0.57 -0.15
HD3 DPR A 8 8.18 -1.15 -1.34
N SER A 9 9.59 -5.86 -0.53
CA SER A 9 8.91 -7.13 -0.95
C SER A 9 7.77 -7.60 0.01
N TYR A 10 7.44 -6.83 1.07
CA TYR A 10 6.56 -7.27 2.19
C TYR A 10 5.13 -6.71 1.98
N THR A 11 4.14 -7.58 1.64
CA THR A 11 2.75 -7.15 1.29
C THR A 11 1.88 -7.16 2.59
N PHE A 12 0.99 -6.14 2.70
CA PHE A 12 -0.09 -6.10 3.73
C PHE A 12 -1.32 -5.55 2.97
N ARG A 13 -2.48 -6.22 3.08
CA ARG A 13 -3.69 -5.92 2.27
C ARG A 13 -4.87 -5.72 3.26
N GLY A 14 -5.52 -4.54 3.25
CA GLY A 14 -6.60 -4.20 4.22
C GLY A 14 -7.66 -3.16 3.72
N PRO A 15 -8.46 -2.35 4.54
CA PRO A 15 -9.55 -1.47 4.00
C PRO A 15 -9.31 0.09 4.03
N GLY A 16 -8.06 0.42 3.74
CA GLY A 16 -7.47 1.76 3.95
C GLY A 16 -6.77 2.33 2.71
N CYS A 17 -6.43 3.64 2.76
CA CYS A 17 -5.56 4.32 1.75
C CYS A 17 -4.81 5.49 2.51
N PRO A 18 -3.71 5.29 3.34
CA PRO A 18 -2.89 6.40 3.90
C PRO A 18 -1.83 6.96 2.89
N THR A 19 -1.32 8.19 3.15
CA THR A 19 -0.18 8.78 2.38
C THR A 19 1.19 8.18 2.87
N LEU A 20 2.11 7.95 1.92
CA LEU A 20 3.41 7.23 2.16
C LEU A 20 4.51 7.89 1.27
N LYS A 21 5.76 7.96 1.81
CA LYS A 21 6.97 8.45 1.13
C LYS A 21 7.38 7.67 -0.19
N PRO A 22 8.08 8.19 -1.27
CA PRO A 22 8.25 7.46 -2.56
C PRO A 22 9.16 6.20 -2.47
N DAL A 23 8.82 5.17 -3.29
CA DAL A 23 9.44 3.81 -3.26
CB DAL A 23 9.95 3.51 -4.66
C DAL A 23 8.54 2.64 -2.77
O DAL A 23 9.11 1.64 -2.32
H DAL A 23 8.01 5.37 -3.89
HA DAL A 23 10.31 3.81 -2.58
HB1 DAL A 23 10.46 2.53 -4.70
HB2 DAL A 23 10.67 4.26 -5.01
HB3 DAL A 23 9.12 3.47 -5.39
N ILE A 24 7.18 2.73 -2.87
CA ILE A 24 6.23 1.69 -2.36
C ILE A 24 5.20 1.55 -3.53
N THR A 25 4.79 0.30 -3.80
CA THR A 25 3.65 -0.01 -4.74
C THR A 25 2.24 -0.11 -4.07
N VAL A 26 1.99 1.01 -3.42
CA VAL A 26 0.72 1.41 -2.74
C VAL A 26 -0.30 1.79 -3.86
N ARG A 27 -1.29 0.90 -4.02
CA ARG A 27 -2.24 0.88 -5.16
C ARG A 27 -3.65 0.90 -4.50
N CYS A 28 -4.19 2.12 -4.34
CA CYS A 28 -5.45 2.40 -3.60
C CYS A 28 -6.70 1.98 -4.41
N GLU A 29 -7.63 1.27 -3.73
CA GLU A 29 -8.84 0.57 -4.27
C GLU A 29 -8.52 -0.38 -5.45
N SER A 1 -12.96 -0.78 -0.16
CA SER A 1 -11.75 -0.01 -0.51
C SER A 1 -10.53 -0.58 0.23
N LYS A 2 -9.46 -0.89 -0.53
CA LYS A 2 -8.16 -1.42 -0.01
C LYS A 2 -6.96 -0.52 -0.48
N TYR A 3 -5.75 -0.82 0.06
CA TYR A 3 -4.45 -0.29 -0.39
C TYR A 3 -3.60 -1.58 -0.29
N GLU A 4 -3.17 -2.09 -1.46
CA GLU A 4 -2.33 -3.30 -1.57
C GLU A 4 -0.93 -2.66 -1.74
N TYR A 5 -0.22 -2.68 -0.60
CA TYR A 5 0.97 -1.86 -0.40
C TYR A 5 2.13 -2.79 0.00
N THR A 6 2.97 -3.19 -0.98
CA THR A 6 4.20 -3.99 -0.79
C THR A 6 5.31 -3.00 -0.34
N ILE A 7 5.85 -3.24 0.87
CA ILE A 7 6.93 -2.42 1.48
C ILE A 7 8.26 -3.12 0.97
N DPR A 8 9.09 -2.63 -0.04
CA DPR A 8 10.18 -3.43 -0.65
CB DPR A 8 11.09 -2.34 -1.24
CG DPR A 8 10.19 -1.15 -1.58
CD DPR A 8 9.07 -1.23 -0.54
C DPR A 8 9.58 -4.47 -1.64
O DPR A 8 9.33 -4.19 -2.82
HA DPR A 8 10.73 -3.95 0.17
HB2 DPR A 8 11.83 -2.03 -0.48
HB3 DPR A 8 11.65 -2.71 -2.11
HG2 DPR A 8 10.74 -0.18 -1.55
HG3 DPR A 8 9.78 -1.27 -2.59
HD2 DPR A 8 9.23 -0.54 0.31
HD3 DPR A 8 8.08 -0.98 -0.96
N SER A 9 9.32 -5.68 -1.09
CA SER A 9 8.51 -6.76 -1.72
C SER A 9 7.51 -7.46 -0.74
N TYR A 10 7.30 -6.89 0.48
CA TYR A 10 6.57 -7.53 1.59
C TYR A 10 5.12 -7.00 1.55
N THR A 11 4.13 -7.84 1.16
CA THR A 11 2.74 -7.38 0.89
C THR A 11 1.98 -7.27 2.24
N PHE A 12 1.44 -6.07 2.49
CA PHE A 12 0.51 -5.80 3.62
C PHE A 12 -0.79 -5.27 2.95
N ARG A 13 -1.97 -5.61 3.52
CA ARG A 13 -3.29 -5.36 2.86
C ARG A 13 -4.27 -4.88 3.95
N GLY A 14 -4.82 -3.65 3.78
CA GLY A 14 -5.72 -3.01 4.77
C GLY A 14 -7.07 -2.41 4.19
N PRO A 15 -8.02 -1.71 4.92
CA PRO A 15 -9.34 -1.27 4.34
C PRO A 15 -9.51 0.27 4.05
N GLY A 16 -8.44 0.80 3.46
CA GLY A 16 -8.19 2.26 3.37
C GLY A 16 -7.35 2.68 2.16
N CYS A 17 -7.15 4.01 2.04
CA CYS A 17 -6.17 4.62 1.10
C CYS A 17 -5.36 5.73 1.89
N PRO A 18 -4.35 5.44 2.79
CA PRO A 18 -3.52 6.50 3.45
C PRO A 18 -2.33 6.98 2.55
N THR A 19 -1.70 8.13 2.91
CA THR A 19 -0.43 8.59 2.29
C THR A 19 0.81 7.80 2.88
N LEU A 20 1.74 7.45 1.98
CA LEU A 20 2.87 6.51 2.25
C LEU A 20 4.16 7.01 1.54
N LYS A 21 5.30 6.85 2.24
CA LYS A 21 6.65 7.35 1.84
C LYS A 21 7.12 7.02 0.36
N PRO A 22 8.05 7.74 -0.39
CA PRO A 22 8.41 7.38 -1.80
C PRO A 22 9.22 6.05 -1.91
N DAL A 23 8.94 5.29 -2.99
CA DAL A 23 9.47 3.92 -3.19
CB DAL A 23 9.62 3.72 -4.71
C DAL A 23 8.68 2.71 -2.60
O DAL A 23 9.26 1.63 -2.51
H DAL A 23 8.24 5.69 -3.62
HA DAL A 23 10.50 3.85 -2.77
HB1 DAL A 23 8.63 3.77 -5.21
HB2 DAL A 23 10.27 4.49 -5.17
HB3 DAL A 23 10.06 2.74 -4.95
N ILE A 24 7.37 2.87 -2.25
CA ILE A 24 6.45 1.75 -1.88
C ILE A 24 5.47 1.75 -3.10
N THR A 25 5.21 0.56 -3.68
CA THR A 25 4.12 0.38 -4.69
C THR A 25 2.78 0.07 -3.99
N VAL A 26 2.08 1.17 -3.95
CA VAL A 26 0.83 1.40 -3.18
C VAL A 26 -0.26 1.41 -4.31
N ARG A 27 -1.27 0.52 -4.18
CA ARG A 27 -2.30 0.28 -5.22
C ARG A 27 -3.64 0.37 -4.43
N CYS A 28 -4.28 1.57 -4.48
CA CYS A 28 -5.59 1.84 -3.84
C CYS A 28 -6.75 1.16 -4.62
N GLU A 29 -7.15 -0.02 -4.10
CA GLU A 29 -8.21 -0.95 -4.62
C GLU A 29 -7.79 -1.55 -5.99
N SER A 1 -12.56 -1.29 -1.50
CA SER A 1 -11.38 -0.40 -1.53
C SER A 1 -10.26 -1.01 -0.67
N LYS A 2 -9.05 -1.12 -1.26
CA LYS A 2 -7.84 -1.69 -0.59
C LYS A 2 -6.56 -0.90 -1.01
N TYR A 3 -5.64 -0.66 -0.04
CA TYR A 3 -4.25 -0.22 -0.27
C TYR A 3 -3.48 -1.56 -0.19
N GLU A 4 -3.04 -2.05 -1.36
CA GLU A 4 -2.18 -3.25 -1.46
C GLU A 4 -0.76 -2.63 -1.52
N TYR A 5 -0.17 -2.56 -0.33
CA TYR A 5 1.05 -1.73 -0.11
C TYR A 5 2.20 -2.67 0.31
N THR A 6 3.00 -3.11 -0.69
CA THR A 6 4.22 -3.93 -0.51
C THR A 6 5.38 -2.98 -0.13
N ILE A 7 6.02 -3.27 1.03
CA ILE A 7 7.14 -2.46 1.56
C ILE A 7 8.41 -3.19 0.99
N DPR A 8 9.13 -2.77 -0.12
CA DPR A 8 10.16 -3.61 -0.77
CB DPR A 8 11.04 -2.57 -1.46
CG DPR A 8 10.14 -1.37 -1.80
CD DPR A 8 9.06 -1.40 -0.72
C DPR A 8 9.48 -4.68 -1.69
O DPR A 8 9.20 -4.44 -2.87
HA DPR A 8 10.76 -4.12 0.01
HB2 DPR A 8 11.83 -2.24 -0.76
HB3 DPR A 8 11.54 -2.97 -2.36
HG2 DPR A 8 10.68 -0.41 -1.82
HG3 DPR A 8 9.67 -1.52 -2.79
HD2 DPR A 8 9.23 -0.66 0.10
HD3 DPR A 8 8.04 -1.21 -1.09
N SER A 9 9.19 -5.84 -1.06
CA SER A 9 8.32 -6.92 -1.61
C SER A 9 7.32 -7.53 -0.57
N TYR A 10 7.23 -6.94 0.65
CA TYR A 10 6.51 -7.53 1.80
C TYR A 10 5.09 -6.91 1.85
N THR A 11 4.09 -7.71 1.43
CA THR A 11 2.69 -7.24 1.17
C THR A 11 1.90 -7.11 2.51
N PHE A 12 1.01 -6.09 2.55
CA PHE A 12 0.00 -5.92 3.62
C PHE A 12 -1.28 -5.40 2.92
N ARG A 13 -2.44 -6.00 3.23
CA ARG A 13 -3.70 -5.77 2.45
C ARG A 13 -4.85 -5.55 3.49
N GLY A 14 -5.54 -4.40 3.39
CA GLY A 14 -6.65 -4.04 4.31
C GLY A 14 -7.72 -3.05 3.74
N PRO A 15 -8.60 -2.26 4.49
CA PRO A 15 -9.72 -1.46 3.88
C PRO A 15 -9.57 0.10 3.86
N GLY A 16 -8.33 0.51 3.53
CA GLY A 16 -7.83 1.87 3.72
C GLY A 16 -7.00 2.40 2.53
N CYS A 17 -6.64 3.70 2.62
CA CYS A 17 -5.64 4.35 1.71
C CYS A 17 -5.01 5.57 2.52
N PRO A 18 -3.98 5.43 3.44
CA PRO A 18 -3.25 6.59 4.02
C PRO A 18 -2.14 7.14 3.05
N THR A 19 -1.59 8.36 3.33
CA THR A 19 -0.45 8.93 2.55
C THR A 19 0.89 8.17 2.88
N LEU A 20 1.70 7.91 1.84
CA LEU A 20 2.86 6.98 1.88
C LEU A 20 4.03 7.51 1.01
N LYS A 21 5.26 7.33 1.54
CA LYS A 21 6.54 7.83 0.96
C LYS A 21 6.86 7.35 -0.52
N PRO A 22 7.62 8.04 -1.46
CA PRO A 22 7.93 7.48 -2.80
C PRO A 22 8.97 6.33 -2.73
N DAL A 23 8.61 5.16 -3.30
CA DAL A 23 9.37 3.89 -3.15
CB DAL A 23 9.88 3.54 -4.56
C DAL A 23 8.60 2.66 -2.54
O DAL A 23 9.20 1.58 -2.43
H DAL A 23 7.69 5.18 -3.74
HA DAL A 23 10.26 4.03 -2.51
HB1 DAL A 23 10.52 4.34 -4.97
HB2 DAL A 23 9.05 3.38 -5.27
HB3 DAL A 23 10.48 2.61 -4.55
N ILE A 24 7.32 2.81 -2.11
CA ILE A 24 6.42 1.67 -1.72
C ILE A 24 5.49 1.53 -2.97
N THR A 25 5.23 0.27 -3.37
CA THR A 25 4.24 -0.06 -4.45
C THR A 25 2.83 -0.18 -3.78
N VAL A 26 2.19 0.98 -3.82
CA VAL A 26 0.92 1.31 -3.12
C VAL A 26 -0.12 1.29 -4.28
N ARG A 27 -1.15 0.43 -4.16
CA ARG A 27 -2.30 0.40 -5.09
C ARG A 27 -3.54 0.86 -4.25
N CYS A 28 -3.76 2.19 -4.23
CA CYS A 28 -4.77 2.89 -3.39
C CYS A 28 -6.20 2.67 -3.95
N GLU A 29 -7.10 2.12 -3.09
CA GLU A 29 -8.48 1.67 -3.42
C GLU A 29 -8.49 0.46 -4.39
N SER A 1 -12.75 0.22 0.06
CA SER A 1 -11.64 0.20 -0.90
C SER A 1 -10.34 -0.24 -0.18
N LYS A 2 -9.66 -1.27 -0.73
CA LYS A 2 -8.41 -1.84 -0.13
C LYS A 2 -7.16 -1.30 -0.86
N TYR A 3 -6.18 -0.83 -0.08
CA TYR A 3 -4.80 -0.51 -0.52
C TYR A 3 -4.01 -1.85 -0.43
N GLU A 4 -3.31 -2.18 -1.52
CA GLU A 4 -2.43 -3.38 -1.59
C GLU A 4 -1.08 -2.66 -1.60
N TYR A 5 -0.45 -2.69 -0.42
CA TYR A 5 0.69 -1.82 -0.13
C TYR A 5 1.90 -2.69 0.24
N THR A 6 2.73 -2.99 -0.79
CA THR A 6 3.97 -3.82 -0.65
C THR A 6 5.11 -2.83 -0.33
N ILE A 7 5.77 -3.11 0.79
CA ILE A 7 6.85 -2.27 1.38
C ILE A 7 8.17 -2.99 0.90
N DPR A 8 9.04 -2.52 -0.05
CA DPR A 8 10.26 -3.26 -0.49
CB DPR A 8 11.13 -2.17 -1.12
CG DPR A 8 10.16 -1.09 -1.63
CD DPR A 8 9.02 -1.13 -0.62
C DPR A 8 9.89 -4.48 -1.39
O DPR A 8 9.76 -4.37 -2.61
HA DPR A 8 10.78 -3.61 0.43
HB2 DPR A 8 11.79 -1.73 -0.35
HB3 DPR A 8 11.77 -2.56 -1.93
HG2 DPR A 8 10.63 -0.09 -1.70
HG3 DPR A 8 9.79 -1.37 -2.63
HD2 DPR A 8 9.14 -0.41 0.22
HD3 DPR A 8 8.02 -0.91 -1.05
N SER A 9 9.68 -5.61 -0.69
CA SER A 9 9.10 -6.87 -1.27
C SER A 9 7.95 -7.50 -0.42
N TYR A 10 7.61 -6.91 0.75
CA TYR A 10 6.71 -7.51 1.78
C TYR A 10 5.28 -6.98 1.53
N THR A 11 4.29 -7.84 1.20
CA THR A 11 2.90 -7.40 0.88
C THR A 11 2.11 -7.26 2.21
N PHE A 12 1.43 -6.10 2.36
CA PHE A 12 0.52 -5.82 3.50
C PHE A 12 -0.80 -5.32 2.83
N ARG A 13 -1.96 -5.73 3.38
CA ARG A 13 -3.28 -5.52 2.71
C ARG A 13 -4.28 -5.05 3.81
N GLY A 14 -4.89 -3.87 3.61
CA GLY A 14 -5.82 -3.24 4.60
C GLY A 14 -7.09 -2.54 4.01
N PRO A 15 -8.06 -1.84 4.73
CA PRO A 15 -9.32 -1.29 4.12
C PRO A 15 -9.41 0.28 3.93
N GLY A 16 -8.28 0.79 3.44
CA GLY A 16 -7.96 2.23 3.45
C GLY A 16 -7.21 2.71 2.20
N CYS A 17 -6.82 4.01 2.24
CA CYS A 17 -5.89 4.63 1.25
C CYS A 17 -5.05 5.72 2.03
N PRO A 18 -3.97 5.43 2.86
CA PRO A 18 -3.11 6.47 3.47
C PRO A 18 -1.98 6.99 2.52
N THR A 19 -1.42 8.18 2.82
CA THR A 19 -0.20 8.72 2.15
C THR A 19 1.06 8.10 2.83
N LEU A 20 2.01 7.65 1.99
CA LEU A 20 3.20 6.86 2.44
C LEU A 20 4.49 7.35 1.71
N LYS A 21 5.65 7.25 2.40
CA LYS A 21 7.04 7.42 1.88
C LYS A 21 7.31 7.07 0.35
N PRO A 22 8.26 7.65 -0.49
CA PRO A 22 8.43 7.25 -1.91
C PRO A 22 9.11 5.84 -2.09
N DAL A 23 8.71 5.14 -3.17
CA DAL A 23 9.14 3.74 -3.45
CB DAL A 23 9.16 3.57 -4.98
C DAL A 23 8.32 2.58 -2.82
O DAL A 23 8.88 1.48 -2.72
H DAL A 23 8.01 5.61 -3.76
HA DAL A 23 10.18 3.61 -3.10
HB1 DAL A 23 8.15 3.68 -5.40
HB2 DAL A 23 9.53 2.57 -5.26
HB3 DAL A 23 9.82 4.31 -5.46
N ILE A 24 7.03 2.79 -2.44
CA ILE A 24 6.11 1.71 -1.97
C ILE A 24 5.10 1.60 -3.17
N THR A 25 4.82 0.36 -3.60
CA THR A 25 3.71 0.04 -4.58
C THR A 25 2.29 -0.14 -3.95
N VAL A 26 1.93 1.00 -3.39
CA VAL A 26 0.64 1.33 -2.72
C VAL A 26 -0.34 1.75 -3.86
N ARG A 27 -1.36 0.90 -4.03
CA ARG A 27 -2.29 0.93 -5.18
C ARG A 27 -3.69 0.88 -4.52
N CYS A 28 -4.31 2.08 -4.44
CA CYS A 28 -5.62 2.32 -3.78
C CYS A 28 -6.81 1.61 -4.52
N GLU A 29 -7.71 0.98 -3.72
CA GLU A 29 -8.84 0.11 -4.16
C GLU A 29 -8.35 -1.13 -4.95
N SER A 1 -11.76 1.30 0.84
CA SER A 1 -10.85 1.23 -0.32
C SER A 1 -9.60 0.44 0.10
N LYS A 2 -9.34 -0.69 -0.60
CA LYS A 2 -8.25 -1.65 -0.26
C LYS A 2 -6.95 -1.20 -0.97
N TYR A 3 -5.94 -0.84 -0.14
CA TYR A 3 -4.54 -0.64 -0.57
C TYR A 3 -3.84 -2.02 -0.66
N GLU A 4 -3.11 -2.24 -1.76
CA GLU A 4 -2.20 -3.40 -1.90
C GLU A 4 -0.85 -2.67 -1.83
N TYR A 5 -0.24 -2.68 -0.63
CA TYR A 5 0.92 -1.81 -0.33
C TYR A 5 2.06 -2.72 0.16
N THR A 6 2.95 -3.11 -0.78
CA THR A 6 4.20 -3.84 -0.51
C THR A 6 5.30 -2.81 -0.17
N ILE A 7 5.95 -3.04 0.99
CA ILE A 7 7.11 -2.23 1.46
C ILE A 7 8.36 -3.03 0.88
N DPR A 8 9.08 -2.64 -0.22
CA DPR A 8 10.10 -3.53 -0.86
CB DPR A 8 10.98 -2.54 -1.63
CG DPR A 8 10.09 -1.35 -1.99
CD DPR A 8 9.06 -1.30 -0.86
C DPR A 8 9.38 -4.63 -1.71
O DPR A 8 9.08 -4.47 -2.90
HA DPR A 8 10.70 -4.00 -0.06
HB2 DPR A 8 11.79 -2.20 -0.96
HB3 DPR A 8 11.45 -3.00 -2.51
HG2 DPR A 8 10.66 -0.40 -2.09
HG3 DPR A 8 9.58 -1.54 -2.95
HD2 DPR A 8 9.31 -0.54 -0.09
HD3 DPR A 8 8.04 -1.06 -1.20
N SER A 9 9.10 -5.75 -1.00
CA SER A 9 8.21 -6.86 -1.48
C SER A 9 7.22 -7.39 -0.38
N TYR A 10 7.13 -6.69 0.79
CA TYR A 10 6.44 -7.19 2.00
C TYR A 10 5.00 -6.62 2.01
N THR A 11 4.03 -7.46 1.57
CA THR A 11 2.63 -7.04 1.28
C THR A 11 1.80 -6.92 2.61
N PHE A 12 0.91 -5.91 2.66
CA PHE A 12 -0.12 -5.77 3.70
C PHE A 12 -1.40 -5.30 2.96
N ARG A 13 -2.55 -5.96 3.23
CA ARG A 13 -3.80 -5.72 2.46
C ARG A 13 -4.95 -5.59 3.50
N GLY A 14 -5.65 -4.42 3.51
CA GLY A 14 -6.72 -4.14 4.49
C GLY A 14 -7.81 -3.10 4.01
N PRO A 15 -8.53 -2.23 4.81
CA PRO A 15 -9.66 -1.37 4.29
C PRO A 15 -9.44 0.19 4.24
N GLY A 16 -8.21 0.51 3.80
CA GLY A 16 -7.61 1.85 3.90
C GLY A 16 -6.68 2.19 2.74
N CYS A 17 -6.35 3.49 2.58
CA CYS A 17 -5.27 3.98 1.67
C CYS A 17 -4.68 5.30 2.32
N PRO A 18 -3.69 5.32 3.30
CA PRO A 18 -3.07 6.57 3.80
C PRO A 18 -1.94 7.12 2.86
N THR A 19 -1.45 8.36 3.10
CA THR A 19 -0.26 8.93 2.39
C THR A 19 1.07 8.22 2.86
N LEU A 20 1.94 7.92 1.88
CA LEU A 20 3.11 6.99 2.06
C LEU A 20 4.33 7.50 1.24
N LYS A 21 5.52 7.33 1.84
CA LYS A 21 6.84 7.80 1.32
C LYS A 21 7.22 7.36 -0.15
N PRO A 22 8.10 8.01 -1.02
CA PRO A 22 8.43 7.50 -2.37
C PRO A 22 9.26 6.18 -2.36
N DAL A 23 8.98 5.30 -3.33
CA DAL A 23 9.55 3.92 -3.39
CB DAL A 23 9.71 3.58 -4.89
C DAL A 23 8.75 2.76 -2.70
O DAL A 23 9.36 1.70 -2.51
H DAL A 23 8.26 5.61 -3.98
HA DAL A 23 10.56 3.92 -2.95
HB1 DAL A 23 8.73 3.57 -5.40
HB2 DAL A 23 10.35 4.32 -5.40
HB3 DAL A 23 10.18 2.59 -5.02
N ILE A 24 7.45 2.94 -2.38
CA ILE A 24 6.54 1.85 -1.92
C ILE A 24 5.51 1.81 -3.10
N THR A 25 5.24 0.60 -3.66
CA THR A 25 4.13 0.40 -4.63
C THR A 25 2.79 0.15 -3.90
N VAL A 26 2.13 1.28 -3.86
CA VAL A 26 0.88 1.55 -3.09
C VAL A 26 -0.18 1.62 -4.24
N ARG A 27 -1.17 0.71 -4.18
CA ARG A 27 -2.21 0.55 -5.22
C ARG A 27 -3.56 0.69 -4.47
N CYS A 28 -4.09 1.95 -4.46
CA CYS A 28 -5.36 2.31 -3.78
C CYS A 28 -6.61 1.71 -4.51
N GLU A 29 -7.53 1.12 -3.71
CA GLU A 29 -8.72 0.31 -4.15
C GLU A 29 -8.32 -0.91 -5.03
N SER A 1 -12.72 -0.16 -0.93
CA SER A 1 -11.44 0.54 -1.02
C SER A 1 -10.35 -0.32 -0.35
N LYS A 2 -9.31 -0.70 -1.11
CA LYS A 2 -8.16 -1.50 -0.62
C LYS A 2 -6.84 -0.81 -1.12
N TYR A 3 -5.89 -0.69 -0.18
CA TYR A 3 -4.48 -0.37 -0.41
C TYR A 3 -3.79 -1.76 -0.33
N GLU A 4 -3.17 -2.17 -1.44
CA GLU A 4 -2.35 -3.42 -1.50
C GLU A 4 -0.94 -2.80 -1.48
N TYR A 5 -0.34 -2.85 -0.28
CA TYR A 5 0.86 -2.06 0.02
C TYR A 5 2.03 -2.99 0.41
N THR A 6 2.87 -3.32 -0.61
CA THR A 6 4.18 -3.99 -0.42
C THR A 6 5.23 -2.89 -0.14
N ILE A 7 5.97 -3.08 0.96
CA ILE A 7 7.11 -2.20 1.33
C ILE A 7 8.36 -2.99 0.78
N DPR A 8 9.09 -2.64 -0.35
CA DPR A 8 10.11 -3.54 -0.95
CB DPR A 8 10.99 -2.56 -1.76
CG DPR A 8 10.07 -1.41 -2.17
CD DPR A 8 9.05 -1.33 -1.04
C DPR A 8 9.42 -4.69 -1.76
O DPR A 8 9.11 -4.56 -2.95
HA DPR A 8 10.73 -3.97 -0.14
HB2 DPR A 8 11.79 -2.18 -1.11
HB3 DPR A 8 11.47 -3.05 -2.62
HG2 DPR A 8 10.62 -0.46 -2.31
HG3 DPR A 8 9.56 -1.65 -3.12
HD2 DPR A 8 9.29 -0.53 -0.30
HD3 DPR A 8 8.02 -1.11 -1.40
N SER A 9 9.17 -5.80 -1.03
CA SER A 9 8.30 -6.93 -1.46
C SER A 9 7.32 -7.44 -0.34
N TYR A 10 7.25 -6.74 0.82
CA TYR A 10 6.57 -7.24 2.05
C TYR A 10 5.11 -6.73 2.06
N THR A 11 4.15 -7.60 1.62
CA THR A 11 2.73 -7.21 1.39
C THR A 11 1.96 -7.19 2.76
N PHE A 12 1.11 -6.18 2.92
CA PHE A 12 0.09 -6.12 4.01
C PHE A 12 -1.17 -5.53 3.31
N ARG A 13 -2.34 -6.17 3.47
CA ARG A 13 -3.57 -5.84 2.68
C ARG A 13 -4.67 -5.46 3.69
N GLY A 14 -5.25 -4.24 3.54
CA GLY A 14 -6.28 -3.70 4.46
C GLY A 14 -7.45 -2.90 3.77
N PRO A 15 -8.53 -2.31 4.42
CA PRO A 15 -9.65 -1.63 3.69
C PRO A 15 -9.60 -0.06 3.63
N GLY A 16 -8.39 0.41 3.33
CA GLY A 16 -7.95 1.81 3.49
C GLY A 16 -7.14 2.35 2.31
N CYS A 17 -6.79 3.66 2.39
CA CYS A 17 -5.84 4.33 1.46
C CYS A 17 -5.05 5.44 2.28
N PRO A 18 -3.98 5.15 3.11
CA PRO A 18 -3.11 6.19 3.72
C PRO A 18 -1.99 6.69 2.73
N THR A 19 -1.46 7.91 2.99
CA THR A 19 -0.30 8.49 2.23
C THR A 19 1.03 7.95 2.82
N LEU A 20 1.98 7.59 1.92
CA LEU A 20 3.27 6.93 2.29
C LEU A 20 4.45 7.57 1.48
N LYS A 21 5.68 7.53 2.08
CA LYS A 21 6.99 7.88 1.47
C LYS A 21 7.26 7.48 -0.05
N PRO A 22 8.29 7.95 -0.87
CA PRO A 22 8.44 7.56 -2.29
C PRO A 22 9.09 6.16 -2.51
N DAL A 23 8.73 5.52 -3.64
CA DAL A 23 9.18 4.14 -3.97
CB DAL A 23 9.06 3.98 -5.49
C DAL A 23 8.47 2.95 -3.27
O DAL A 23 9.07 1.87 -3.25
H DAL A 23 8.08 6.03 -4.24
HA DAL A 23 10.26 4.05 -3.72
HB1 DAL A 23 9.64 4.75 -6.03
HB2 DAL A 23 9.44 2.99 -5.82
HB3 DAL A 23 8.00 4.06 -5.82
N ILE A 24 7.22 3.11 -2.77
CA ILE A 24 6.37 1.98 -2.26
C ILE A 24 5.33 1.81 -3.41
N THR A 25 5.07 0.54 -3.81
CA THR A 25 3.94 0.18 -4.75
C THR A 25 2.57 -0.11 -4.05
N VAL A 26 2.20 0.97 -3.38
CA VAL A 26 0.93 1.22 -2.65
C VAL A 26 -0.13 1.58 -3.73
N ARG A 27 -1.10 0.66 -3.87
CA ARG A 27 -2.10 0.65 -4.96
C ARG A 27 -3.46 0.95 -4.27
N CYS A 28 -3.75 2.27 -4.22
CA CYS A 28 -4.87 2.87 -3.44
C CYS A 28 -6.25 2.58 -4.08
N GLU A 29 -7.23 2.23 -3.22
CA GLU A 29 -8.63 1.79 -3.57
C GLU A 29 -8.63 0.49 -4.40
N SER A 1 -12.73 -1.07 -1.37
CA SER A 1 -11.59 -0.15 -1.24
C SER A 1 -10.46 -0.87 -0.46
N LYS A 2 -9.26 -0.94 -1.08
CA LYS A 2 -8.04 -1.54 -0.45
C LYS A 2 -6.75 -0.81 -0.92
N TYR A 3 -5.79 -0.59 0.02
CA TYR A 3 -4.40 -0.20 -0.27
C TYR A 3 -3.65 -1.55 -0.19
N GLU A 4 -3.15 -2.01 -1.35
CA GLU A 4 -2.25 -3.18 -1.44
C GLU A 4 -0.88 -2.48 -1.53
N TYR A 5 -0.22 -2.44 -0.36
CA TYR A 5 0.95 -1.58 -0.14
C TYR A 5 2.13 -2.49 0.28
N THR A 6 2.91 -2.93 -0.73
CA THR A 6 4.05 -3.89 -0.57
C THR A 6 5.30 -3.02 -0.27
N ILE A 7 5.96 -3.37 0.82
CA ILE A 7 7.05 -2.57 1.45
C ILE A 7 8.35 -3.34 0.99
N DPR A 8 9.21 -2.92 0.01
CA DPR A 8 10.38 -3.73 -0.44
CB DPR A 8 11.30 -2.67 -1.07
CG DPR A 8 10.39 -1.56 -1.59
CD DPR A 8 9.22 -1.56 -0.60
C DPR A 8 9.94 -4.91 -1.35
O DPR A 8 9.81 -4.78 -2.57
HA DPR A 8 10.89 -4.13 0.47
HB2 DPR A 8 11.97 -2.27 -0.29
HB3 DPR A 8 11.94 -3.09 -1.87
HG2 DPR A 8 10.90 -0.57 -1.64
HG3 DPR A 8 10.02 -1.80 -2.59
HD2 DPR A 8 9.33 -0.82 0.22
HD3 DPR A 8 8.24 -1.34 -1.06
N SER A 9 9.65 -6.04 -0.68
CA SER A 9 8.99 -7.25 -1.27
C SER A 9 7.81 -7.81 -0.43
N TYR A 10 7.52 -7.24 0.77
CA TYR A 10 6.59 -7.81 1.77
C TYR A 10 5.19 -7.16 1.60
N THR A 11 4.14 -7.96 1.31
CA THR A 11 2.78 -7.43 0.99
C THR A 11 1.97 -7.23 2.31
N PHE A 12 1.22 -6.11 2.37
CA PHE A 12 0.26 -5.80 3.47
C PHE A 12 -1.02 -5.29 2.77
N ARG A 13 -2.18 -5.79 3.22
CA ARG A 13 -3.48 -5.59 2.52
C ARG A 13 -4.56 -5.29 3.60
N GLY A 14 -5.28 -4.16 3.45
CA GLY A 14 -6.32 -3.72 4.42
C GLY A 14 -7.52 -2.88 3.80
N PRO A 15 -8.47 -2.18 4.53
CA PRO A 15 -9.66 -1.51 3.90
C PRO A 15 -9.63 0.06 3.81
N GLY A 16 -8.43 0.54 3.43
CA GLY A 16 -8.03 1.94 3.57
C GLY A 16 -7.16 2.45 2.42
N CYS A 17 -6.79 3.75 2.53
CA CYS A 17 -5.75 4.40 1.66
C CYS A 17 -5.13 5.58 2.51
N PRO A 18 -4.11 5.39 3.45
CA PRO A 18 -3.36 6.53 4.07
C PRO A 18 -2.24 7.11 3.13
N THR A 19 -1.70 8.30 3.45
CA THR A 19 -0.56 8.92 2.68
C THR A 19 0.79 8.15 2.96
N LEU A 20 1.57 7.94 1.88
CA LEU A 20 2.75 7.02 1.86
C LEU A 20 3.82 7.60 0.91
N LYS A 21 5.09 7.60 1.41
CA LYS A 21 6.26 8.18 0.72
C LYS A 21 6.74 7.43 -0.59
N PRO A 22 7.56 7.97 -1.58
CA PRO A 22 8.01 7.20 -2.78
C PRO A 22 9.01 6.06 -2.44
N DAL A 23 8.91 4.94 -3.19
CA DAL A 23 9.59 3.66 -2.88
CB DAL A 23 10.65 3.46 -3.97
C DAL A 23 8.61 2.44 -2.68
O DAL A 23 8.92 1.30 -3.08
H DAL A 23 8.19 5.00 -3.93
HA DAL A 23 10.14 3.74 -1.92
HB1 DAL A 23 11.38 4.28 -4.00
HB2 DAL A 23 10.19 3.37 -4.98
HB3 DAL A 23 11.23 2.52 -3.80
N ILE A 24 7.45 2.65 -2.01
CA ILE A 24 6.41 1.61 -1.72
C ILE A 24 5.49 1.58 -3.01
N THR A 25 5.14 0.35 -3.44
CA THR A 25 4.14 0.12 -4.53
C THR A 25 2.75 -0.02 -3.81
N VAL A 26 2.07 1.10 -3.88
CA VAL A 26 0.80 1.40 -3.15
C VAL A 26 -0.24 1.37 -4.30
N ARG A 27 -1.25 0.48 -4.18
CA ARG A 27 -2.41 0.42 -5.10
C ARG A 27 -3.64 0.91 -4.26
N CYS A 28 -3.83 2.24 -4.25
CA CYS A 28 -4.79 2.96 -3.37
C CYS A 28 -6.25 2.80 -3.87
N GLU A 29 -7.16 2.42 -2.93
CA GLU A 29 -8.63 2.20 -3.15
C GLU A 29 -8.90 1.10 -4.20
N SER A 1 -12.71 -0.35 -0.94
CA SER A 1 -11.51 0.49 -0.81
C SER A 1 -10.41 -0.33 -0.11
N LYS A 2 -9.28 -0.56 -0.81
CA LYS A 2 -8.09 -1.31 -0.27
C LYS A 2 -6.77 -0.75 -0.86
N TYR A 3 -5.74 -0.60 0.01
CA TYR A 3 -4.34 -0.37 -0.37
C TYR A 3 -3.69 -1.77 -0.45
N GLU A 4 -3.10 -2.09 -1.61
CA GLU A 4 -2.23 -3.28 -1.76
C GLU A 4 -0.84 -2.61 -1.78
N TYR A 5 -0.21 -2.59 -0.59
CA TYR A 5 0.99 -1.76 -0.34
C TYR A 5 2.13 -2.68 0.15
N THR A 6 2.98 -3.12 -0.82
CA THR A 6 4.20 -3.94 -0.56
C THR A 6 5.34 -2.98 -0.12
N ILE A 7 5.93 -3.28 1.05
CA ILE A 7 7.02 -2.46 1.65
C ILE A 7 8.33 -3.20 1.17
N DPR A 8 9.15 -2.76 0.15
CA DPR A 8 10.23 -3.60 -0.42
CB DPR A 8 11.17 -2.54 -1.03
CG DPR A 8 10.30 -1.34 -1.41
CD DPR A 8 9.14 -1.38 -0.42
C DPR A 8 9.63 -4.65 -1.41
O DPR A 8 9.45 -4.40 -2.61
HA DPR A 8 10.76 -4.12 0.40
HB2 DPR A 8 11.90 -2.23 -0.26
HB3 DPR A 8 11.74 -2.94 -1.88
HG2 DPR A 8 10.86 -0.39 -1.38
HG3 DPR A 8 9.92 -1.47 -2.44
HD2 DPR A 8 9.26 -0.65 0.41
HD3 DPR A 8 8.16 -1.16 -0.88
N SER A 9 9.29 -5.82 -0.82
CA SER A 9 8.46 -6.88 -1.47
C SER A 9 7.38 -7.51 -0.52
N TYR A 10 7.23 -6.98 0.73
CA TYR A 10 6.43 -7.61 1.81
C TYR A 10 5.01 -6.99 1.76
N THR A 11 3.99 -7.79 1.36
CA THR A 11 2.62 -7.29 1.06
C THR A 11 1.79 -7.20 2.38
N PHE A 12 0.99 -6.12 2.48
CA PHE A 12 -0.04 -5.95 3.54
C PHE A 12 -1.31 -5.44 2.82
N ARG A 13 -2.47 -6.05 3.11
CA ARG A 13 -3.74 -5.77 2.36
C ARG A 13 -4.87 -5.64 3.42
N GLY A 14 -5.58 -4.48 3.41
CA GLY A 14 -6.67 -4.20 4.37
C GLY A 14 -7.73 -3.14 3.89
N PRO A 15 -8.52 -2.34 4.71
CA PRO A 15 -9.63 -1.47 4.21
C PRO A 15 -9.42 0.09 4.23
N GLY A 16 -8.19 0.44 3.81
CA GLY A 16 -7.61 1.77 4.02
C GLY A 16 -6.68 2.21 2.86
N CYS A 17 -6.48 3.54 2.71
CA CYS A 17 -5.46 4.13 1.80
C CYS A 17 -4.91 5.42 2.54
N PRO A 18 -3.86 5.41 3.46
CA PRO A 18 -3.22 6.66 3.97
C PRO A 18 -2.16 7.25 2.96
N THR A 19 -1.64 8.47 3.24
CA THR A 19 -0.55 9.11 2.44
C THR A 19 0.80 8.42 2.76
N LEU A 20 1.51 8.05 1.67
CA LEU A 20 2.70 7.15 1.73
C LEU A 20 3.81 7.70 0.78
N LYS A 21 5.05 7.71 1.30
CA LYS A 21 6.24 8.28 0.63
C LYS A 21 6.75 7.50 -0.66
N PRO A 22 7.60 8.03 -1.63
CA PRO A 22 8.09 7.24 -2.79
C PRO A 22 9.08 6.10 -2.41
N DAL A 23 9.01 4.97 -3.14
CA DAL A 23 9.70 3.70 -2.77
CB DAL A 23 10.79 3.48 -3.84
C DAL A 23 8.72 2.48 -2.56
O DAL A 23 9.05 1.34 -2.93
H DAL A 23 8.31 5.01 -3.89
HA DAL A 23 10.23 3.81 -1.80
HB1 DAL A 23 10.35 3.36 -4.84
HB2 DAL A 23 11.51 4.32 -3.88
HB3 DAL A 23 11.37 2.56 -3.63
N ILE A 24 7.54 2.71 -1.92
CA ILE A 24 6.51 1.66 -1.63
C ILE A 24 5.62 1.62 -2.92
N THR A 25 5.32 0.39 -3.40
CA THR A 25 4.37 0.15 -4.52
C THR A 25 2.94 -0.01 -3.88
N VAL A 26 2.27 1.13 -3.92
CA VAL A 26 0.99 1.41 -3.23
C VAL A 26 -0.04 1.39 -4.41
N ARG A 27 -1.07 0.52 -4.30
CA ARG A 27 -2.22 0.48 -5.24
C ARG A 27 -3.45 0.87 -4.36
N CYS A 28 -3.73 2.20 -4.33
CA CYS A 28 -4.75 2.83 -3.45
C CYS A 28 -6.19 2.60 -3.95
N GLU A 29 -7.11 2.30 -3.00
CA GLU A 29 -8.57 1.99 -3.23
C GLU A 29 -8.76 0.73 -4.10
N SER A 1 -12.44 0.92 0.60
CA SER A 1 -11.22 1.16 -0.19
C SER A 1 -10.08 0.24 0.30
N LYS A 2 -9.45 -0.49 -0.64
CA LYS A 2 -8.36 -1.45 -0.36
C LYS A 2 -7.07 -0.91 -1.03
N TYR A 3 -6.03 -0.72 -0.20
CA TYR A 3 -4.64 -0.50 -0.63
C TYR A 3 -3.95 -1.88 -0.75
N GLU A 4 -3.16 -2.08 -1.80
CA GLU A 4 -2.24 -3.25 -1.91
C GLU A 4 -0.90 -2.52 -1.75
N TYR A 5 -0.36 -2.59 -0.51
CA TYR A 5 0.78 -1.75 -0.10
C TYR A 5 1.93 -2.68 0.32
N THR A 6 2.83 -2.97 -0.66
CA THR A 6 4.04 -3.79 -0.44
C THR A 6 5.19 -2.78 -0.21
N ILE A 7 5.90 -3.01 0.89
CA ILE A 7 7.02 -2.18 1.37
C ILE A 7 8.29 -3.03 0.96
N DPR A 8 9.17 -2.71 -0.05
CA DPR A 8 10.33 -3.58 -0.39
CB DPR A 8 11.26 -2.62 -1.16
CG DPR A 8 10.36 -1.55 -1.78
CD DPR A 8 9.23 -1.41 -0.77
C DPR A 8 9.88 -4.86 -1.16
O DPR A 8 9.75 -4.88 -2.38
HA DPR A 8 10.84 -3.87 0.55
HB2 DPR A 8 11.96 -2.14 -0.44
HB3 DPR A 8 11.88 -3.14 -1.91
HG2 DPR A 8 10.89 -0.59 -1.95
HG3 DPR A 8 9.97 -1.90 -2.74
HD2 DPR A 8 9.40 -0.61 -0.02
HD3 DPR A 8 8.24 -1.18 -1.23
N SER A 9 9.61 -5.91 -0.34
CA SER A 9 8.95 -7.18 -0.78
C SER A 9 7.79 -7.65 0.16
N TYR A 10 7.40 -6.85 1.19
CA TYR A 10 6.49 -7.27 2.28
C TYR A 10 5.06 -6.71 2.05
N THR A 11 4.09 -7.56 1.63
CA THR A 11 2.71 -7.12 1.27
C THR A 11 1.80 -7.16 2.54
N PHE A 12 0.92 -6.15 2.67
CA PHE A 12 -0.18 -6.13 3.68
C PHE A 12 -1.41 -5.56 2.92
N ARG A 13 -2.55 -6.25 2.99
CA ARG A 13 -3.76 -5.93 2.16
C ARG A 13 -4.96 -5.83 3.14
N GLY A 14 -5.64 -4.66 3.19
CA GLY A 14 -6.74 -4.41 4.16
C GLY A 14 -7.76 -3.28 3.78
N PRO A 15 -8.47 -2.49 4.67
CA PRO A 15 -9.57 -1.54 4.24
C PRO A 15 -9.24 0.00 4.39
N GLY A 16 -8.07 0.33 3.83
CA GLY A 16 -7.38 1.61 4.08
C GLY A 16 -6.66 2.13 2.82
N CYS A 17 -6.41 3.46 2.77
CA CYS A 17 -5.53 4.10 1.74
C CYS A 17 -4.87 5.39 2.40
N PRO A 18 -3.79 5.33 3.27
CA PRO A 18 -3.04 6.54 3.71
C PRO A 18 -1.94 6.97 2.67
N THR A 19 -1.44 8.23 2.78
CA THR A 19 -0.25 8.70 2.00
C THR A 19 1.09 8.17 2.62
N LEU A 20 2.08 7.84 1.74
CA LEU A 20 3.33 7.12 2.12
C LEU A 20 4.54 7.68 1.32
N LYS A 21 5.74 7.67 1.95
CA LYS A 21 7.08 7.94 1.33
C LYS A 21 7.31 7.51 -0.17
N PRO A 22 8.15 8.12 -1.11
CA PRO A 22 8.30 7.62 -2.50
C PRO A 22 9.08 6.27 -2.62
N DAL A 23 8.70 5.45 -3.60
CA DAL A 23 9.23 4.06 -3.80
CB DAL A 23 9.30 3.81 -5.30
C DAL A 23 8.47 2.89 -3.13
O DAL A 23 9.09 1.84 -2.95
H DAL A 23 7.93 5.81 -4.19
HA DAL A 23 10.26 4.02 -3.41
HB1 DAL A 23 8.30 3.84 -5.77
HB2 DAL A 23 9.74 2.83 -5.54
HB3 DAL A 23 9.93 4.57 -5.83
N ILE A 24 7.16 3.03 -2.80
CA ILE A 24 6.28 1.92 -2.29
C ILE A 24 5.26 1.70 -3.46
N THR A 25 4.94 0.41 -3.73
CA THR A 25 3.83 0.01 -4.67
C THR A 25 2.40 -0.11 -4.04
N VAL A 26 2.10 1.02 -3.45
CA VAL A 26 0.83 1.39 -2.77
C VAL A 26 -0.19 1.75 -3.90
N ARG A 27 -1.19 0.86 -4.02
CA ARG A 27 -2.17 0.83 -5.13
C ARG A 27 -3.54 1.05 -4.43
N CYS A 28 -3.93 2.33 -4.35
CA CYS A 28 -5.06 2.85 -3.53
C CYS A 28 -6.44 2.50 -4.15
N GLU A 29 -7.39 2.10 -3.27
CA GLU A 29 -8.80 1.67 -3.59
C GLU A 29 -8.83 0.45 -4.54
N SER A 1 -12.54 -0.75 -1.48
CA SER A 1 -11.57 0.33 -1.24
C SER A 1 -10.37 -0.29 -0.47
N LYS A 2 -9.32 -0.66 -1.22
CA LYS A 2 -8.16 -1.42 -0.71
C LYS A 2 -6.84 -0.72 -1.14
N TYR A 3 -5.90 -0.66 -0.18
CA TYR A 3 -4.48 -0.33 -0.38
C TYR A 3 -3.81 -1.73 -0.36
N GLU A 4 -3.17 -2.10 -1.50
CA GLU A 4 -2.30 -3.30 -1.56
C GLU A 4 -0.91 -2.62 -1.50
N TYR A 5 -0.35 -2.67 -0.28
CA TYR A 5 0.82 -1.85 0.07
C TYR A 5 1.99 -2.79 0.44
N THR A 6 2.83 -3.08 -0.57
CA THR A 6 4.07 -3.88 -0.41
C THR A 6 5.22 -2.86 -0.26
N ILE A 7 5.99 -3.08 0.81
CA ILE A 7 7.14 -2.23 1.20
C ILE A 7 8.38 -3.11 0.74
N DPR A 8 9.18 -2.84 -0.35
CA DPR A 8 10.31 -3.73 -0.74
CB DPR A 8 11.19 -2.81 -1.60
CG DPR A 8 10.26 -1.74 -2.18
CD DPR A 8 9.20 -1.56 -1.11
C DPR A 8 9.79 -5.03 -1.43
O DPR A 8 9.57 -5.08 -2.64
HA DPR A 8 10.87 -4.00 0.17
HB2 DPR A 8 11.94 -2.32 -0.94
HB3 DPR A 8 11.75 -3.36 -2.37
HG2 DPR A 8 10.79 -0.80 -2.43
HG3 DPR A 8 9.80 -2.13 -3.11
HD2 DPR A 8 9.42 -0.74 -0.41
HD3 DPR A 8 8.19 -1.35 -1.51
N SER A 9 9.57 -6.04 -0.57
CA SER A 9 8.86 -7.32 -0.91
C SER A 9 7.79 -7.75 0.15
N TYR A 10 7.40 -6.86 1.10
CA TYR A 10 6.58 -7.22 2.28
C TYR A 10 5.13 -6.67 2.15
N THR A 11 4.18 -7.54 1.72
CA THR A 11 2.78 -7.13 1.37
C THR A 11 1.90 -7.14 2.66
N PHE A 12 1.00 -6.14 2.76
CA PHE A 12 -0.08 -6.10 3.78
C PHE A 12 -1.32 -5.58 3.00
N ARG A 13 -2.45 -6.29 3.08
CA ARG A 13 -3.65 -6.01 2.23
C ARG A 13 -4.80 -5.69 3.23
N GLY A 14 -5.32 -4.45 3.18
CA GLY A 14 -6.35 -3.95 4.14
C GLY A 14 -7.46 -3.02 3.52
N PRO A 15 -8.52 -2.47 4.23
CA PRO A 15 -9.62 -1.67 3.57
C PRO A 15 -9.51 -0.10 3.62
N GLY A 16 -8.25 0.32 3.42
CA GLY A 16 -7.77 1.68 3.69
C GLY A 16 -7.00 2.30 2.52
N CYS A 17 -6.62 3.59 2.67
CA CYS A 17 -5.68 4.30 1.75
C CYS A 17 -4.90 5.40 2.58
N PRO A 18 -3.80 5.13 3.39
CA PRO A 18 -2.95 6.20 3.99
C PRO A 18 -1.88 6.75 2.99
N THR A 19 -1.35 7.98 3.28
CA THR A 19 -0.27 8.63 2.49
C THR A 19 1.12 8.07 2.94
N LEU A 20 1.99 7.81 1.95
CA LEU A 20 3.33 7.15 2.16
C LEU A 20 4.39 7.82 1.23
N LYS A 21 5.65 7.93 1.73
CA LYS A 21 6.81 8.46 0.99
C LYS A 21 7.17 7.72 -0.38
N PRO A 22 7.92 8.27 -1.42
CA PRO A 22 8.07 7.60 -2.74
C PRO A 22 8.98 6.33 -2.70
N DAL A 23 8.66 5.35 -3.58
CA DAL A 23 9.31 4.01 -3.61
CB DAL A 23 9.68 3.71 -5.07
C DAL A 23 8.49 2.81 -3.03
O DAL A 23 9.13 1.82 -2.66
H DAL A 23 7.86 5.57 -4.17
HA DAL A 23 10.25 4.03 -3.04
HB1 DAL A 23 10.21 2.74 -5.16
HB2 DAL A 23 8.78 3.66 -5.70
HB3 DAL A 23 10.34 4.49 -5.48
N ILE A 24 7.13 2.86 -3.00
CA ILE A 24 6.25 1.78 -2.45
C ILE A 24 5.19 1.56 -3.59
N THR A 25 4.83 0.28 -3.82
CA THR A 25 3.68 -0.11 -4.70
C THR A 25 2.28 -0.23 -4.00
N VAL A 26 2.03 0.89 -3.36
CA VAL A 26 0.78 1.27 -2.64
C VAL A 26 -0.29 1.62 -3.73
N ARG A 27 -1.26 0.70 -3.86
CA ARG A 27 -2.28 0.70 -4.93
C ARG A 27 -3.62 1.05 -4.21
N CYS A 28 -3.86 2.37 -4.12
CA CYS A 28 -4.92 3.00 -3.29
C CYS A 28 -6.33 2.79 -3.90
N GLU A 29 -7.30 2.44 -3.01
CA GLU A 29 -8.74 2.15 -3.31
C GLU A 29 -8.91 0.97 -4.29
N SER A 1 -12.99 -0.75 0.02
CA SER A 1 -11.71 -0.21 -0.46
C SER A 1 -10.53 -0.88 0.25
N LYS A 2 -9.50 -1.30 -0.54
CA LYS A 2 -8.24 -1.89 -0.02
C LYS A 2 -7.02 -1.34 -0.81
N TYR A 3 -5.95 -0.96 -0.08
CA TYR A 3 -4.60 -0.70 -0.63
C TYR A 3 -3.90 -2.07 -0.78
N GLU A 4 -3.20 -2.25 -1.91
CA GLU A 4 -2.35 -3.45 -2.14
C GLU A 4 -0.95 -2.79 -2.08
N TYR A 5 -0.33 -2.87 -0.89
CA TYR A 5 0.85 -2.06 -0.58
C TYR A 5 1.97 -2.98 -0.05
N THR A 6 2.92 -3.34 -0.95
CA THR A 6 4.19 -4.04 -0.62
C THR A 6 5.20 -3.01 -0.10
N ILE A 7 5.77 -3.31 1.09
CA ILE A 7 6.79 -2.45 1.76
C ILE A 7 8.14 -3.14 1.33
N DPR A 8 8.97 -2.68 0.33
CA DPR A 8 10.10 -3.49 -0.21
CB DPR A 8 11.03 -2.40 -0.75
CG DPR A 8 10.15 -1.22 -1.18
CD DPR A 8 8.94 -1.30 -0.25
C DPR A 8 9.57 -4.54 -1.23
O DPR A 8 9.41 -4.27 -2.43
HA DPR A 8 10.60 -4.00 0.63
HB2 DPR A 8 11.71 -2.08 0.05
HB3 DPR A 8 11.65 -2.78 -1.59
HG2 DPR A 8 10.67 -0.25 -1.11
HG3 DPR A 8 9.82 -1.35 -2.23
HD2 DPR A 8 8.99 -0.58 0.59
HD3 DPR A 8 7.97 -1.12 -0.75
N SER A 9 9.23 -5.74 -0.68
CA SER A 9 8.48 -6.82 -1.37
C SER A 9 7.37 -7.50 -0.49
N TYR A 10 7.13 -7.00 0.75
CA TYR A 10 6.30 -7.66 1.78
C TYR A 10 4.87 -7.08 1.70
N THR A 11 3.89 -7.88 1.19
CA THR A 11 2.52 -7.39 0.86
C THR A 11 1.66 -7.37 2.17
N PHE A 12 0.95 -6.24 2.36
CA PHE A 12 -0.06 -6.05 3.43
C PHE A 12 -1.34 -5.54 2.70
N ARG A 13 -2.52 -6.03 3.10
CA ARG A 13 -3.80 -5.73 2.40
C ARG A 13 -4.88 -5.55 3.50
N GLY A 14 -5.48 -4.34 3.60
CA GLY A 14 -6.47 -4.00 4.66
C GLY A 14 -7.58 -2.98 4.25
N PRO A 15 -8.25 -2.09 5.10
CA PRO A 15 -9.46 -1.30 4.68
C PRO A 15 -9.27 0.26 4.56
N GLY A 16 -8.16 0.59 3.88
CA GLY A 16 -7.57 1.94 3.90
C GLY A 16 -6.60 2.22 2.75
N CYS A 17 -6.29 3.52 2.53
CA CYS A 17 -5.20 3.97 1.62
C CYS A 17 -4.58 5.29 2.24
N PRO A 18 -3.54 5.31 3.16
CA PRO A 18 -2.94 6.58 3.66
C PRO A 18 -1.86 7.16 2.69
N THR A 19 -1.50 8.46 2.85
CA THR A 19 -0.39 9.12 2.09
C THR A 19 1.01 8.64 2.61
N LEU A 20 1.95 8.43 1.66
CA LEU A 20 3.25 7.74 1.90
C LEU A 20 4.41 8.39 1.09
N LYS A 21 5.65 8.29 1.64
CA LYS A 21 6.91 8.72 1.01
C LYS A 21 7.33 7.87 -0.26
N PRO A 22 8.11 8.30 -1.33
CA PRO A 22 8.33 7.49 -2.56
C PRO A 22 9.21 6.23 -2.32
N DAL A 23 8.82 5.11 -2.96
CA DAL A 23 9.45 3.77 -2.79
CB DAL A 23 10.04 3.41 -4.16
C DAL A 23 8.54 2.61 -2.25
O DAL A 23 9.05 1.49 -2.11
H DAL A 23 7.98 5.24 -3.53
HA DAL A 23 10.30 3.84 -2.07
HB1 DAL A 23 9.26 3.34 -4.93
HB2 DAL A 23 10.56 2.44 -4.11
HB3 DAL A 23 10.79 4.16 -4.50
N ILE A 24 7.24 2.84 -1.95
CA ILE A 24 6.24 1.77 -1.61
C ILE A 24 5.37 1.77 -2.90
N THR A 25 5.22 0.59 -3.53
CA THR A 25 4.24 0.38 -4.65
C THR A 25 2.78 0.09 -4.16
N VAL A 26 2.27 1.21 -3.69
CA VAL A 26 0.96 1.41 -3.02
C VAL A 26 -0.09 1.70 -4.15
N ARG A 27 -1.16 0.88 -4.19
CA ARG A 27 -2.20 0.95 -5.23
C ARG A 27 -3.52 0.89 -4.44
N CYS A 28 -4.15 2.08 -4.43
CA CYS A 28 -5.42 2.36 -3.69
C CYS A 28 -6.65 1.68 -4.33
N GLU A 29 -7.57 1.16 -3.46
CA GLU A 29 -8.84 0.44 -3.82
C GLU A 29 -8.55 -0.88 -4.58
N SER A 1 -12.37 0.88 0.16
CA SER A 1 -11.11 0.93 -0.62
C SER A 1 -10.04 0.05 0.05
N LYS A 2 -9.47 -0.90 -0.72
CA LYS A 2 -8.41 -1.81 -0.25
C LYS A 2 -7.11 -1.36 -0.99
N TYR A 3 -6.11 -0.89 -0.22
CA TYR A 3 -4.73 -0.65 -0.70
C TYR A 3 -3.96 -1.99 -0.62
N GLU A 4 -3.27 -2.34 -1.73
CA GLU A 4 -2.42 -3.55 -1.81
C GLU A 4 -1.04 -2.87 -1.83
N TYR A 5 -0.40 -2.93 -0.64
CA TYR A 5 0.75 -2.08 -0.35
C TYR A 5 1.94 -2.97 0.08
N THR A 6 2.83 -3.28 -0.90
CA THR A 6 4.10 -4.00 -0.68
C THR A 6 5.14 -2.97 -0.20
N ILE A 7 5.68 -3.22 1.02
CA ILE A 7 6.73 -2.36 1.66
C ILE A 7 8.08 -3.05 1.21
N DPR A 8 8.96 -2.54 0.26
CA DPR A 8 10.10 -3.32 -0.29
CB DPR A 8 11.04 -2.23 -0.82
CG DPR A 8 10.15 -1.04 -1.20
CD DPR A 8 8.97 -1.14 -0.24
C DPR A 8 9.57 -4.37 -1.32
O DPR A 8 9.37 -4.06 -2.51
HA DPR A 8 10.61 -3.83 0.55
HB2 DPR A 8 11.73 -1.92 -0.03
HB3 DPR A 8 11.65 -2.59 -1.67
HG2 DPR A 8 10.68 -0.08 -1.13
HG3 DPR A 8 9.80 -1.16 -2.24
HD2 DPR A 8 9.06 -0.45 0.62
HD3 DPR A 8 7.99 -0.90 -0.72
N SER A 9 9.32 -5.58 -0.79
CA SER A 9 8.56 -6.68 -1.48
C SER A 9 7.55 -7.42 -0.53
N TYR A 10 7.25 -6.84 0.67
CA TYR A 10 6.50 -7.51 1.76
C TYR A 10 5.05 -7.02 1.64
N THR A 11 4.10 -7.88 1.20
CA THR A 11 2.70 -7.47 0.87
C THR A 11 1.89 -7.41 2.19
N PHE A 12 1.34 -6.23 2.48
CA PHE A 12 0.36 -6.00 3.57
C PHE A 12 -0.94 -5.53 2.85
N ARG A 13 -2.13 -5.90 3.38
CA ARG A 13 -3.43 -5.66 2.69
C ARG A 13 -4.45 -5.25 3.78
N GLY A 14 -5.07 -4.05 3.65
CA GLY A 14 -6.00 -3.49 4.66
C GLY A 14 -7.22 -2.66 4.10
N PRO A 15 -8.10 -1.90 4.86
CA PRO A 15 -9.34 -1.24 4.28
C PRO A 15 -9.28 0.34 4.15
N GLY A 16 -8.16 0.77 3.60
CA GLY A 16 -7.71 2.18 3.64
C GLY A 16 -6.92 2.61 2.39
N CYS A 17 -6.54 3.91 2.39
CA CYS A 17 -5.56 4.48 1.42
C CYS A 17 -4.79 5.64 2.19
N PRO A 18 -3.76 5.41 3.09
CA PRO A 18 -2.99 6.49 3.76
C PRO A 18 -1.86 7.09 2.85
N THR A 19 -1.37 8.31 3.19
CA THR A 19 -0.24 8.98 2.49
C THR A 19 1.11 8.39 3.00
N LEU A 20 1.97 8.04 2.02
CA LEU A 20 3.22 7.26 2.24
C LEU A 20 4.38 7.86 1.41
N LYS A 21 5.62 7.80 1.97
CA LYS A 21 6.87 8.26 1.34
C LYS A 21 7.26 7.53 -0.02
N PRO A 22 8.11 8.05 -0.99
CA PRO A 22 8.30 7.41 -2.32
C PRO A 22 9.11 6.08 -2.26
N DAL A 23 8.69 5.11 -3.10
CA DAL A 23 9.26 3.73 -3.15
CB DAL A 23 9.54 3.44 -4.63
C DAL A 23 8.40 2.57 -2.53
O DAL A 23 8.92 1.47 -2.45
H DAL A 23 7.89 5.38 -3.69
HA DAL A 23 10.23 3.70 -2.62
HB1 DAL A 23 10.24 4.18 -5.07
HB2 DAL A 23 10.00 2.45 -4.76
HB3 DAL A 23 8.61 3.46 -5.23
N ILE A 24 7.12 2.79 -2.13
CA ILE A 24 6.16 1.71 -1.74
C ILE A 24 5.21 1.69 -2.99
N THR A 25 5.06 0.51 -3.62
CA THR A 25 4.02 0.30 -4.69
C THR A 25 2.58 -0.02 -4.14
N VAL A 26 2.10 1.10 -3.61
CA VAL A 26 0.80 1.28 -2.91
C VAL A 26 -0.24 1.63 -4.02
N ARG A 27 -1.24 0.75 -4.18
CA ARG A 27 -2.19 0.75 -5.31
C ARG A 27 -3.59 0.71 -4.64
N CYS A 28 -4.20 1.90 -4.52
CA CYS A 28 -5.49 2.14 -3.82
C CYS A 28 -6.70 1.51 -4.58
N GLU A 29 -7.60 0.85 -3.81
CA GLU A 29 -8.77 0.03 -4.27
C GLU A 29 -8.36 -1.09 -5.26
N SER A 1 -12.67 -0.21 -1.00
CA SER A 1 -11.46 0.61 -1.13
C SER A 1 -10.31 -0.10 -0.39
N LYS A 2 -9.25 -0.50 -1.14
CA LYS A 2 -8.13 -1.31 -0.63
C LYS A 2 -6.78 -0.66 -1.05
N TYR A 3 -5.84 -0.63 -0.08
CA TYR A 3 -4.41 -0.36 -0.30
C TYR A 3 -3.77 -1.78 -0.32
N GLU A 4 -3.18 -2.13 -1.47
CA GLU A 4 -2.30 -3.32 -1.58
C GLU A 4 -0.93 -2.61 -1.60
N TYR A 5 -0.30 -2.54 -0.41
CA TYR A 5 0.85 -1.66 -0.19
C TYR A 5 2.03 -2.54 0.27
N THR A 6 2.86 -2.96 -0.71
CA THR A 6 4.02 -3.87 -0.48
C THR A 6 5.24 -2.96 -0.24
N ILE A 7 5.91 -3.23 0.89
CA ILE A 7 7.04 -2.42 1.42
C ILE A 7 8.31 -3.26 1.00
N DPR A 8 9.19 -2.92 -0.01
CA DPR A 8 10.35 -3.78 -0.38
CB DPR A 8 11.29 -2.80 -1.11
CG DPR A 8 10.40 -1.70 -1.70
CD DPR A 8 9.26 -1.59 -0.68
C DPR A 8 9.88 -5.03 -1.20
O DPR A 8 9.76 -5.01 -2.42
HA DPR A 8 10.86 -4.11 0.55
HB2 DPR A 8 11.98 -2.36 -0.38
HB3 DPR A 8 11.90 -3.30 -1.88
HG2 DPR A 8 10.93 -0.75 -1.83
HG3 DPR A 8 10.00 -2.02 -2.67
HD2 DPR A 8 9.43 -0.81 0.08
HD3 DPR A 8 8.28 -1.35 -1.14
N SER A 9 9.58 -6.09 -0.42
CA SER A 9 8.89 -7.33 -0.89
C SER A 9 7.70 -7.80 0.03
N TYR A 10 7.39 -7.07 1.14
CA TYR A 10 6.48 -7.52 2.20
C TYR A 10 5.08 -6.91 1.98
N THR A 11 4.05 -7.74 1.66
CA THR A 11 2.69 -7.27 1.29
C THR A 11 1.82 -7.19 2.58
N PHE A 12 0.99 -6.11 2.66
CA PHE A 12 -0.08 -5.96 3.68
C PHE A 12 -1.35 -5.51 2.90
N ARG A 13 -2.49 -6.18 3.11
CA ARG A 13 -3.71 -5.98 2.27
C ARG A 13 -4.88 -5.75 3.25
N GLY A 14 -5.50 -4.54 3.20
CA GLY A 14 -6.59 -4.14 4.12
C GLY A 14 -7.61 -3.09 3.56
N PRO A 15 -8.63 -2.47 4.28
CA PRO A 15 -9.70 -1.63 3.63
C PRO A 15 -9.53 -0.07 3.74
N GLY A 16 -8.28 0.33 3.52
CA GLY A 16 -7.76 1.67 3.83
C GLY A 16 -6.86 2.24 2.72
N CYS A 17 -6.50 3.54 2.85
CA CYS A 17 -5.45 4.20 2.02
C CYS A 17 -4.85 5.42 2.85
N PRO A 18 -3.78 5.30 3.73
CA PRO A 18 -3.07 6.50 4.30
C PRO A 18 -2.04 7.12 3.29
N THR A 19 -1.45 8.30 3.61
CA THR A 19 -0.34 8.91 2.81
C THR A 19 1.01 8.13 3.03
N LEU A 20 1.74 7.92 1.92
CA LEU A 20 2.91 6.99 1.84
C LEU A 20 3.93 7.59 0.83
N LYS A 21 5.19 7.73 1.28
CA LYS A 21 6.30 8.37 0.53
C LYS A 21 6.76 7.63 -0.80
N PRO A 22 7.50 8.21 -1.83
CA PRO A 22 7.91 7.46 -3.05
C PRO A 22 8.96 6.34 -2.78
N DAL A 23 8.86 5.24 -3.56
CA DAL A 23 9.61 3.97 -3.30
CB DAL A 23 10.64 3.83 -4.44
C DAL A 23 8.69 2.72 -3.10
O DAL A 23 9.01 1.61 -3.56
H DAL A 23 8.13 5.29 -4.27
HA DAL A 23 10.20 4.06 -2.37
HB1 DAL A 23 11.34 4.70 -4.49
HB2 DAL A 23 10.15 3.76 -5.43
HB3 DAL A 23 11.25 2.93 -4.32
N ILE A 24 7.56 2.88 -2.36
CA ILE A 24 6.56 1.81 -2.05
C ILE A 24 5.59 1.75 -3.29
N THR A 25 5.23 0.52 -3.70
CA THR A 25 4.16 0.26 -4.69
C THR A 25 2.84 0.08 -3.89
N VAL A 26 2.09 1.16 -3.94
CA VAL A 26 0.85 1.40 -3.17
C VAL A 26 -0.24 1.39 -4.30
N ARG A 27 -1.21 0.46 -4.19
CA ARG A 27 -2.41 0.44 -5.09
C ARG A 27 -3.60 0.94 -4.21
N CYS A 28 -3.75 2.28 -4.16
CA CYS A 28 -4.67 2.99 -3.24
C CYS A 28 -6.13 2.96 -3.78
N GLU A 29 -7.06 2.51 -2.90
CA GLU A 29 -8.53 2.35 -3.16
C GLU A 29 -8.78 1.25 -4.21
N SER A 1 -12.34 0.29 0.13
CA SER A 1 -11.20 0.41 -0.80
C SER A 1 -9.94 -0.19 -0.12
N LYS A 2 -9.33 -1.20 -0.77
CA LYS A 2 -8.12 -1.89 -0.27
C LYS A 2 -6.90 -1.25 -0.99
N TYR A 3 -5.94 -0.75 -0.19
CA TYR A 3 -4.58 -0.35 -0.63
C TYR A 3 -3.74 -1.65 -0.46
N GLU A 4 -3.21 -2.17 -1.59
CA GLU A 4 -2.36 -3.38 -1.62
C GLU A 4 -0.97 -2.73 -1.76
N TYR A 5 -0.30 -2.69 -0.60
CA TYR A 5 0.88 -1.84 -0.41
C TYR A 5 2.05 -2.74 0.03
N THR A 6 2.91 -3.14 -0.94
CA THR A 6 4.16 -3.91 -0.70
C THR A 6 5.25 -2.90 -0.28
N ILE A 7 5.80 -3.10 0.95
CA ILE A 7 6.87 -2.25 1.54
C ILE A 7 8.20 -2.96 1.02
N DPR A 8 9.03 -2.47 0.03
CA DPR A 8 10.11 -3.29 -0.60
CB DPR A 8 11.03 -2.21 -1.21
CG DPR A 8 10.14 -1.01 -1.54
CD DPR A 8 9.03 -1.08 -0.49
C DPR A 8 9.47 -4.32 -1.59
O DPR A 8 9.21 -4.01 -2.76
HA DPR A 8 10.68 -3.81 0.20
HB2 DPR A 8 11.78 -1.91 -0.47
HB3 DPR A 8 11.56 -2.59 -2.11
HG2 DPR A 8 10.69 -0.05 -1.51
HG3 DPR A 8 9.70 -1.12 -2.55
HD2 DPR A 8 9.20 -0.38 0.36
HD3 DPR A 8 8.03 -0.83 -0.89
N SER A 9 9.17 -5.51 -1.03
CA SER A 9 8.29 -6.55 -1.65
C SER A 9 7.38 -7.27 -0.58
N TYR A 10 7.26 -6.72 0.65
CA TYR A 10 6.56 -7.34 1.79
C TYR A 10 5.10 -6.83 1.75
N THR A 11 4.14 -7.71 1.35
CA THR A 11 2.74 -7.28 1.04
C THR A 11 1.96 -7.17 2.38
N PHE A 12 1.41 -5.96 2.61
CA PHE A 12 0.49 -5.68 3.74
C PHE A 12 -0.83 -5.21 3.05
N ARG A 13 -2.00 -5.59 3.61
CA ARG A 13 -3.32 -5.39 2.91
C ARG A 13 -4.34 -4.99 3.98
N GLY A 14 -4.92 -3.78 3.86
CA GLY A 14 -5.91 -3.22 4.81
C GLY A 14 -7.16 -2.52 4.15
N PRO A 15 -8.16 -1.81 4.82
CA PRO A 15 -9.39 -1.28 4.13
C PRO A 15 -9.49 0.29 3.92
N GLY A 16 -8.34 0.82 3.51
CA GLY A 16 -8.05 2.27 3.51
C GLY A 16 -7.21 2.74 2.31
N CYS A 17 -6.88 4.05 2.33
CA CYS A 17 -5.87 4.66 1.44
C CYS A 17 -5.13 5.79 2.28
N PRO A 18 -4.15 5.53 3.21
CA PRO A 18 -3.32 6.58 3.86
C PRO A 18 -2.14 7.08 2.94
N THR A 19 -1.49 8.22 3.32
CA THR A 19 -0.22 8.69 2.66
C THR A 19 1.00 7.81 3.10
N LEU A 20 1.86 7.47 2.12
CA LEU A 20 2.93 6.44 2.25
C LEU A 20 4.21 6.93 1.54
N LYS A 21 5.37 6.64 2.18
CA LYS A 21 6.73 7.10 1.79
C LYS A 21 7.14 6.87 0.27
N PRO A 22 8.06 7.63 -0.47
CA PRO A 22 8.37 7.36 -1.90
C PRO A 22 9.15 6.03 -2.12
N DAL A 23 8.81 5.33 -3.23
CA DAL A 23 9.29 3.96 -3.52
CB DAL A 23 9.26 3.80 -5.04
C DAL A 23 8.54 2.76 -2.87
O DAL A 23 9.14 1.68 -2.83
H DAL A 23 8.08 5.79 -3.80
HA DAL A 23 10.34 3.88 -3.20
HB1 DAL A 23 9.66 2.81 -5.36
HB2 DAL A 23 8.23 3.87 -5.43
HB3 DAL A 23 9.87 4.57 -5.56
N ILE A 24 7.27 2.90 -2.42
CA ILE A 24 6.38 1.78 -2.01
C ILE A 24 5.39 1.68 -3.22
N THR A 25 5.17 0.43 -3.68
CA THR A 25 4.15 0.13 -4.74
C THR A 25 2.75 -0.07 -4.05
N VAL A 26 2.09 1.08 -3.99
CA VAL A 26 0.82 1.32 -3.26
C VAL A 26 -0.23 1.37 -4.43
N ARG A 27 -1.26 0.51 -4.35
CA ARG A 27 -2.33 0.41 -5.38
C ARG A 27 -3.64 0.57 -4.58
N CYS A 28 -4.16 1.82 -4.53
CA CYS A 28 -5.43 2.18 -3.84
C CYS A 28 -6.67 1.60 -4.57
N GLU A 29 -7.59 0.99 -3.77
CA GLU A 29 -8.76 0.17 -4.20
C GLU A 29 -8.31 -1.10 -4.98
N SER A 1 -12.69 0.12 -0.80
CA SER A 1 -11.30 0.56 -1.01
C SER A 1 -10.34 -0.41 -0.30
N LYS A 2 -9.37 -0.97 -1.06
CA LYS A 2 -8.30 -1.85 -0.52
C LYS A 2 -6.96 -1.39 -1.13
N TYR A 3 -6.05 -0.89 -0.26
CA TYR A 3 -4.64 -0.57 -0.57
C TYR A 3 -3.83 -1.89 -0.44
N GLU A 4 -3.12 -2.27 -1.53
CA GLU A 4 -2.29 -3.52 -1.56
C GLU A 4 -0.86 -2.96 -1.46
N TYR A 5 -0.43 -2.66 -0.23
CA TYR A 5 0.71 -1.76 -0.02
C TYR A 5 1.96 -2.60 0.32
N THR A 6 2.74 -2.94 -0.74
CA THR A 6 3.94 -3.78 -0.62
C THR A 6 5.13 -2.83 -0.34
N ILE A 7 5.81 -3.10 0.78
CA ILE A 7 6.90 -2.27 1.33
C ILE A 7 8.21 -3.04 0.87
N DPR A 8 9.09 -2.60 -0.10
CA DPR A 8 10.28 -3.39 -0.52
CB DPR A 8 11.18 -2.34 -1.18
CG DPR A 8 10.25 -1.25 -1.71
CD DPR A 8 9.11 -1.23 -0.69
C DPR A 8 9.88 -4.62 -1.39
O DPR A 8 9.75 -4.53 -2.62
HA DPR A 8 10.79 -3.75 0.41
HB2 DPR A 8 11.86 -1.91 -0.42
HB3 DPR A 8 11.82 -2.77 -1.97
HG2 DPR A 8 10.75 -0.26 -1.79
HG3 DPR A 8 9.86 -1.53 -2.70
HD2 DPR A 8 9.26 -0.50 0.12
HD3 DPR A 8 8.12 -1.00 -1.13
N SER A 9 9.63 -5.74 -0.68
CA SER A 9 9.01 -6.98 -1.22
C SER A 9 7.84 -7.55 -0.35
N TYR A 10 7.53 -6.94 0.82
CA TYR A 10 6.63 -7.49 1.85
C TYR A 10 5.20 -6.94 1.61
N THR A 11 4.21 -7.80 1.26
CA THR A 11 2.83 -7.34 0.93
C THR A 11 1.99 -7.25 2.24
N PHE A 12 1.23 -6.15 2.36
CA PHE A 12 0.32 -5.88 3.50
C PHE A 12 -1.00 -5.36 2.86
N ARG A 13 -2.17 -5.83 3.34
CA ARG A 13 -3.48 -5.59 2.65
C ARG A 13 -4.55 -5.30 3.73
N GLY A 14 -5.29 -4.18 3.58
CA GLY A 14 -6.36 -3.77 4.52
C GLY A 14 -7.48 -2.83 3.94
N PRO A 15 -8.35 -2.03 4.67
CA PRO A 15 -9.52 -1.29 4.07
C PRO A 15 -9.43 0.28 3.97
N GLY A 16 -8.22 0.70 3.58
CA GLY A 16 -7.76 2.10 3.69
C GLY A 16 -7.08 2.63 2.41
N CYS A 17 -6.69 3.93 2.48
CA CYS A 17 -5.82 4.59 1.47
C CYS A 17 -4.94 5.67 2.23
N PRO A 18 -3.82 5.36 2.98
CA PRO A 18 -2.97 6.38 3.64
C PRO A 18 -1.90 6.98 2.66
N THR A 19 -1.36 8.18 2.99
CA THR A 19 -0.19 8.79 2.30
C THR A 19 1.12 8.20 2.88
N LEU A 20 2.02 7.81 1.97
CA LEU A 20 3.27 7.07 2.29
C LEU A 20 4.45 7.64 1.45
N LYS A 21 5.66 7.70 2.05
CA LYS A 21 6.91 8.17 1.40
C LYS A 21 7.33 7.45 0.05
N PRO A 22 8.17 7.97 -0.92
CA PRO A 22 8.36 7.33 -2.26
C PRO A 22 9.16 5.99 -2.23
N DAL A 23 8.80 5.08 -3.14
CA DAL A 23 9.33 3.68 -3.19
CB DAL A 23 9.67 3.38 -4.65
C DAL A 23 8.44 2.55 -2.63
O DAL A 23 9.00 1.50 -2.32
H DAL A 23 8.05 5.39 -3.77
HA DAL A 23 10.29 3.62 -2.63
HB1 DAL A 23 10.38 4.11 -5.08
HB2 DAL A 23 8.76 3.41 -5.29
HB3 DAL A 23 10.12 2.38 -4.78
N ILE A 24 7.09 2.72 -2.55
CA ILE A 24 6.13 1.67 -2.08
C ILE A 24 5.12 1.57 -3.26
N THR A 25 4.78 0.33 -3.66
CA THR A 25 3.66 0.04 -4.62
C THR A 25 2.24 -0.12 -3.97
N VAL A 26 1.92 1.02 -3.38
CA VAL A 26 0.64 1.37 -2.70
C VAL A 26 -0.35 1.80 -3.82
N ARG A 27 -1.37 0.94 -4.02
CA ARG A 27 -2.31 1.01 -5.17
C ARG A 27 -3.70 0.92 -4.48
N CYS A 28 -4.33 2.11 -4.29
CA CYS A 28 -5.63 2.28 -3.60
C CYS A 28 -6.80 1.76 -4.44
N GLU A 29 -7.60 0.84 -3.84
CA GLU A 29 -8.69 0.03 -4.47
C GLU A 29 -8.22 -0.80 -5.70
N SER A 1 -12.77 -0.44 -0.87
CA SER A 1 -11.50 0.30 -0.90
C SER A 1 -10.42 -0.50 -0.15
N LYS A 2 -9.27 -0.75 -0.82
CA LYS A 2 -8.08 -1.41 -0.21
C LYS A 2 -6.75 -0.82 -0.80
N TYR A 3 -5.73 -0.63 0.07
CA TYR A 3 -4.34 -0.40 -0.30
C TYR A 3 -3.71 -1.81 -0.33
N GLU A 4 -3.27 -2.25 -1.52
CA GLU A 4 -2.46 -3.49 -1.67
C GLU A 4 -1.07 -2.84 -1.87
N TYR A 5 -0.33 -2.81 -0.74
CA TYR A 5 0.86 -1.97 -0.61
C TYR A 5 2.03 -2.84 -0.12
N THR A 6 2.93 -3.24 -1.05
CA THR A 6 4.18 -3.99 -0.75
C THR A 6 5.26 -2.97 -0.30
N ILE A 7 5.78 -3.19 0.93
CA ILE A 7 6.84 -2.35 1.55
C ILE A 7 8.18 -3.05 1.08
N DPR A 8 9.02 -2.57 0.09
CA DPR A 8 10.13 -3.38 -0.48
CB DPR A 8 11.06 -2.30 -1.07
CG DPR A 8 10.17 -1.13 -1.47
CD DPR A 8 9.02 -1.19 -0.47
C DPR A 8 9.58 -4.45 -1.48
O DPR A 8 9.39 -4.19 -2.67
HA DPR A 8 10.67 -3.89 0.36
HB2 DPR A 8 11.77 -1.98 -0.30
HB3 DPR A 8 11.66 -2.69 -1.92
HG2 DPR A 8 10.71 -0.15 -1.43
HG3 DPR A 8 9.79 -1.27 -2.49
HD2 DPR A 8 9.14 -0.47 0.37
HD3 DPR A 8 8.03 -0.98 -0.92
N SER A 9 9.26 -5.62 -0.89
CA SER A 9 8.47 -6.72 -1.53
C SER A 9 7.41 -7.36 -0.57
N TYR A 10 7.22 -6.80 0.65
CA TYR A 10 6.45 -7.43 1.75
C TYR A 10 4.99 -6.90 1.68
N THR A 11 4.02 -7.74 1.26
CA THR A 11 2.63 -7.31 0.94
C THR A 11 1.83 -7.21 2.26
N PHE A 12 1.30 -6.01 2.53
CA PHE A 12 0.31 -5.75 3.61
C PHE A 12 -1.01 -5.31 2.92
N ARG A 13 -2.17 -5.78 3.44
CA ARG A 13 -3.49 -5.60 2.77
C ARG A 13 -4.55 -5.31 3.87
N GLY A 14 -5.35 -4.22 3.68
CA GLY A 14 -6.44 -3.85 4.62
C GLY A 14 -7.56 -2.91 4.03
N PRO A 15 -8.42 -2.10 4.78
CA PRO A 15 -9.59 -1.37 4.17
C PRO A 15 -9.48 0.20 4.09
N GLY A 16 -8.30 0.61 3.63
CA GLY A 16 -7.79 1.99 3.75
C GLY A 16 -6.80 2.37 2.64
N CYS A 17 -6.63 3.69 2.40
CA CYS A 17 -5.56 4.24 1.52
C CYS A 17 -4.98 5.54 2.24
N PRO A 18 -3.95 5.52 3.18
CA PRO A 18 -3.26 6.75 3.66
C PRO A 18 -2.17 7.28 2.65
N THR A 19 -1.58 8.47 2.92
CA THR A 19 -0.40 9.00 2.18
C THR A 19 0.88 8.27 2.69
N LEU A 20 1.63 7.71 1.72
CA LEU A 20 2.75 6.76 1.95
C LEU A 20 4.03 7.24 1.21
N LYS A 21 5.18 7.09 1.90
CA LYS A 21 6.52 7.59 1.48
C LYS A 21 7.01 7.21 0.02
N PRO A 22 7.93 7.91 -0.76
CA PRO A 22 8.34 7.46 -2.12
C PRO A 22 9.18 6.14 -2.12
N DAL A 23 8.94 5.29 -3.13
CA DAL A 23 9.51 3.92 -3.21
CB DAL A 23 9.74 3.64 -4.71
C DAL A 23 8.69 2.73 -2.59
O DAL A 23 9.28 1.65 -2.45
H DAL A 23 8.24 5.62 -3.80
HA DAL A 23 10.50 3.90 -2.73
HB1 DAL A 23 10.40 4.38 -5.17
HB2 DAL A 23 10.22 2.65 -4.87
HB3 DAL A 23 8.79 3.64 -5.27
N ILE A 24 7.39 2.90 -2.26
CA ILE A 24 6.46 1.79 -1.88
C ILE A 24 5.50 1.77 -3.11
N THR A 25 5.27 0.56 -3.67
CA THR A 25 4.20 0.33 -4.69
C THR A 25 2.87 -0.02 -3.98
N VAL A 26 2.11 1.05 -3.98
CA VAL A 26 0.84 1.24 -3.22
C VAL A 26 -0.23 1.17 -4.35
N ARG A 27 -1.20 0.23 -4.23
CA ARG A 27 -2.37 0.14 -5.14
C ARG A 27 -3.60 0.56 -4.30
N CYS A 28 -3.86 1.87 -4.41
CA CYS A 28 -4.81 2.64 -3.57
C CYS A 28 -6.27 2.42 -4.01
N GLU A 29 -7.15 2.09 -3.04
CA GLU A 29 -8.62 1.83 -3.21
C GLU A 29 -8.89 0.59 -4.10
N SER A 1 -12.50 -0.31 -1.50
CA SER A 1 -11.40 0.61 -1.12
C SER A 1 -10.32 -0.23 -0.41
N LYS A 2 -9.18 -0.49 -1.11
CA LYS A 2 -8.07 -1.32 -0.63
C LYS A 2 -6.73 -0.64 -1.04
N TYR A 3 -5.79 -0.59 -0.06
CA TYR A 3 -4.37 -0.27 -0.25
C TYR A 3 -3.70 -1.65 -0.16
N GLU A 4 -3.21 -2.14 -1.31
CA GLU A 4 -2.37 -3.36 -1.38
C GLU A 4 -0.97 -2.72 -1.52
N TYR A 5 -0.27 -2.70 -0.38
CA TYR A 5 0.93 -1.86 -0.22
C TYR A 5 2.12 -2.75 0.20
N THR A 6 2.94 -3.16 -0.80
CA THR A 6 4.19 -3.95 -0.61
C THR A 6 5.31 -2.97 -0.19
N ILE A 7 5.90 -3.23 1.00
CA ILE A 7 7.04 -2.43 1.55
C ILE A 7 8.32 -3.19 1.02
N DPR A 8 9.17 -2.72 0.03
CA DPR A 8 10.23 -3.56 -0.58
CB DPR A 8 11.17 -2.52 -1.21
CG DPR A 8 10.30 -1.30 -1.54
CD DPR A 8 9.22 -1.32 -0.47
C DPR A 8 9.60 -4.61 -1.56
O DPR A 8 9.36 -4.35 -2.74
HA DPR A 8 10.78 -4.08 0.23
HB2 DPR A 8 11.94 -2.22 -0.47
HB3 DPR A 8 11.69 -2.91 -2.10
HG2 DPR A 8 10.87 -0.35 -1.54
HG3 DPR A 8 9.85 -1.42 -2.54
HD2 DPR A 8 9.43 -0.65 0.39
HD3 DPR A 8 8.22 -1.03 -0.84
N SER A 9 9.31 -5.79 -0.96
CA SER A 9 8.46 -6.87 -1.57
C SER A 9 7.46 -7.51 -0.54
N TYR A 10 7.29 -6.92 0.66
CA TYR A 10 6.56 -7.52 1.80
C TYR A 10 5.12 -6.96 1.77
N THR A 11 4.14 -7.79 1.38
CA THR A 11 2.75 -7.35 1.08
C THR A 11 1.96 -7.22 2.42
N PHE A 12 1.30 -6.07 2.58
CA PHE A 12 0.35 -5.79 3.68
C PHE A 12 -0.96 -5.32 2.99
N ARG A 13 -2.12 -5.82 3.44
CA ARG A 13 -3.42 -5.64 2.73
C ARG A 13 -4.46 -5.19 3.78
N GLY A 14 -5.10 -4.03 3.53
CA GLY A 14 -6.13 -3.44 4.44
C GLY A 14 -7.34 -2.73 3.71
N PRO A 15 -8.45 -2.17 4.35
CA PRO A 15 -9.61 -1.59 3.60
C PRO A 15 -9.66 -0.02 3.50
N GLY A 16 -8.48 0.51 3.20
CA GLY A 16 -8.15 1.95 3.34
C GLY A 16 -7.20 2.46 2.26
N CYS A 17 -6.80 3.75 2.41
CA CYS A 17 -5.70 4.38 1.62
C CYS A 17 -5.04 5.51 2.52
N PRO A 18 -4.07 5.26 3.47
CA PRO A 18 -3.29 6.34 4.14
C PRO A 18 -2.15 6.92 3.25
N THR A 19 -1.59 8.11 3.59
CA THR A 19 -0.44 8.73 2.86
C THR A 19 0.89 7.95 3.12
N LEU A 20 1.67 7.75 2.03
CA LEU A 20 2.85 6.83 1.99
C LEU A 20 3.89 7.42 1.00
N LYS A 21 5.14 7.56 1.49
CA LYS A 21 6.27 8.18 0.75
C LYS A 21 6.74 7.44 -0.57
N PRO A 22 7.49 8.02 -1.59
CA PRO A 22 7.89 7.27 -2.83
C PRO A 22 8.92 6.14 -2.56
N DAL A 23 8.80 5.03 -3.32
CA DAL A 23 9.52 3.76 -3.06
CB DAL A 23 10.51 3.58 -4.24
C DAL A 23 8.61 2.50 -2.81
O DAL A 23 8.96 1.38 -3.19
H DAL A 23 8.03 5.08 -4.00
HA DAL A 23 10.15 3.85 -2.15
HB1 DAL A 23 9.97 3.50 -5.20
HB2 DAL A 23 11.12 2.67 -4.12
HB3 DAL A 23 11.21 4.44 -4.32
N ILE A 24 7.44 2.69 -2.11
CA ILE A 24 6.47 1.61 -1.75
C ILE A 24 5.51 1.53 -2.98
N THR A 25 5.23 0.29 -3.44
CA THR A 25 4.24 0.00 -4.51
C THR A 25 2.82 -0.17 -3.83
N VAL A 26 2.16 0.97 -3.82
CA VAL A 26 0.90 1.24 -3.07
C VAL A 26 -0.17 1.23 -4.22
N ARG A 27 -1.18 0.35 -4.12
CA ARG A 27 -2.36 0.34 -5.03
C ARG A 27 -3.57 0.81 -4.19
N CYS A 28 -3.73 2.13 -4.23
CA CYS A 28 -4.65 2.92 -3.36
C CYS A 28 -6.10 2.85 -3.88
N GLU A 29 -7.04 2.52 -2.96
CA GLU A 29 -8.51 2.34 -3.19
C GLU A 29 -8.81 1.22 -4.22
N SER A 1 -13.06 -1.24 -0.88
CA SER A 1 -11.82 -0.57 -1.33
C SER A 1 -10.63 -1.04 -0.48
N LYS A 2 -9.53 -1.46 -1.15
CA LYS A 2 -8.30 -1.97 -0.48
C LYS A 2 -7.02 -1.37 -1.15
N TYR A 3 -6.07 -0.95 -0.29
CA TYR A 3 -4.68 -0.60 -0.65
C TYR A 3 -3.88 -1.93 -0.59
N GLU A 4 -3.15 -2.23 -1.68
CA GLU A 4 -2.26 -3.41 -1.76
C GLU A 4 -0.89 -2.72 -1.64
N TYR A 5 -0.34 -2.79 -0.42
CA TYR A 5 0.81 -1.97 -0.05
C TYR A 5 1.99 -2.89 0.36
N THR A 6 2.85 -3.20 -0.64
CA THR A 6 4.16 -3.87 -0.45
C THR A 6 5.19 -2.78 -0.14
N ILE A 7 5.92 -2.98 0.97
CA ILE A 7 7.05 -2.11 1.39
C ILE A 7 8.30 -2.87 0.81
N DPR A 8 9.01 -2.48 -0.33
CA DPR A 8 10.04 -3.36 -0.96
CB DPR A 8 10.88 -2.35 -1.75
CG DPR A 8 9.96 -1.19 -2.12
CD DPR A 8 8.94 -1.16 -0.99
C DPR A 8 9.35 -4.50 -1.79
O DPR A 8 9.01 -4.34 -2.97
HA DPR A 8 10.67 -3.80 -0.16
HB2 DPR A 8 11.69 -1.97 -1.10
HB3 DPR A 8 11.36 -2.81 -2.63
HG2 DPR A 8 10.50 -0.23 -2.24
HG3 DPR A 8 9.45 -1.42 -3.08
HD2 DPR A 8 9.16 -0.37 -0.24
HD3 DPR A 8 7.90 -0.96 -1.34
N SER A 9 9.11 -5.62 -1.07
CA SER A 9 8.25 -6.75 -1.53
C SER A 9 7.29 -7.30 -0.41
N TYR A 10 7.19 -6.58 0.75
CA TYR A 10 6.53 -7.08 1.98
C TYR A 10 5.07 -6.60 2.03
N THR A 11 4.14 -7.47 1.57
CA THR A 11 2.72 -7.11 1.32
C THR A 11 1.92 -7.11 2.66
N PHE A 12 1.02 -6.11 2.78
CA PHE A 12 -0.03 -6.07 3.83
C PHE A 12 -1.30 -5.53 3.09
N ARG A 13 -2.48 -6.13 3.33
CA ARG A 13 -3.71 -5.84 2.52
C ARG A 13 -4.86 -5.60 3.53
N GLY A 14 -5.50 -4.41 3.46
CA GLY A 14 -6.60 -4.02 4.38
C GLY A 14 -7.63 -2.97 3.82
N PRO A 15 -8.46 -2.14 4.57
CA PRO A 15 -9.56 -1.32 3.97
C PRO A 15 -9.38 0.25 3.91
N GLY A 16 -8.15 0.61 3.56
CA GLY A 16 -7.60 1.97 3.71
C GLY A 16 -6.93 2.53 2.44
N CYS A 17 -6.51 3.81 2.54
CA CYS A 17 -5.65 4.48 1.52
C CYS A 17 -4.77 5.54 2.30
N PRO A 18 -3.63 5.22 3.03
CA PRO A 18 -2.77 6.23 3.68
C PRO A 18 -1.74 6.89 2.69
N THR A 19 -1.25 8.10 3.03
CA THR A 19 -0.11 8.76 2.32
C THR A 19 1.22 8.21 2.91
N LEU A 20 2.12 7.80 2.00
CA LEU A 20 3.35 7.03 2.35
C LEU A 20 4.57 7.56 1.53
N LYS A 21 5.79 7.45 2.14
CA LYS A 21 7.13 7.71 1.53
C LYS A 21 7.31 7.38 -0.01
N PRO A 22 8.17 8.02 -0.91
CA PRO A 22 8.32 7.58 -2.33
C PRO A 22 9.08 6.23 -2.50
N DAL A 23 8.67 5.46 -3.53
CA DAL A 23 9.17 4.08 -3.78
CB DAL A 23 9.10 3.84 -5.29
C DAL A 23 8.46 2.90 -3.05
O DAL A 23 9.09 1.84 -2.95
H DAL A 23 7.91 5.85 -4.08
HA DAL A 23 10.24 4.03 -3.49
HB1 DAL A 23 9.68 4.59 -5.85
HB2 DAL A 23 8.06 3.88 -5.65
HB3 DAL A 23 9.52 2.85 -5.56
N ILE A 24 7.20 3.04 -2.58
CA ILE A 24 6.35 1.91 -2.07
C ILE A 24 5.35 1.66 -3.25
N THR A 25 5.09 0.37 -3.51
CA THR A 25 3.99 -0.07 -4.43
C THR A 25 2.62 -0.25 -3.66
N VAL A 26 2.16 0.94 -3.30
CA VAL A 26 0.86 1.24 -2.64
C VAL A 26 -0.10 1.62 -3.80
N ARG A 27 -1.13 0.77 -3.99
CA ARG A 27 -2.11 0.86 -5.09
C ARG A 27 -3.48 0.87 -4.37
N CYS A 28 -4.02 2.09 -4.18
CA CYS A 28 -5.32 2.35 -3.51
C CYS A 28 -6.53 1.85 -4.35
N GLU A 29 -7.50 1.19 -3.66
CA GLU A 29 -8.70 0.51 -4.22
C GLU A 29 -8.30 -0.67 -5.15
N SER A 1 -11.30 1.95 0.76
CA SER A 1 -10.48 1.65 -0.44
C SER A 1 -9.39 0.61 -0.06
N LYS A 2 -9.26 -0.44 -0.90
CA LYS A 2 -8.32 -1.58 -0.67
C LYS A 2 -6.93 -1.20 -1.27
N TYR A 3 -5.98 -0.86 -0.38
CA TYR A 3 -4.54 -0.69 -0.71
C TYR A 3 -3.90 -2.10 -0.70
N GLU A 4 -3.21 -2.44 -1.80
CA GLU A 4 -2.37 -3.66 -1.88
C GLU A 4 -0.97 -3.00 -1.86
N TYR A 5 -0.38 -3.01 -0.65
CA TYR A 5 0.81 -2.17 -0.38
C TYR A 5 1.96 -3.04 0.13
N THR A 6 2.90 -3.39 -0.78
CA THR A 6 4.20 -4.04 -0.47
C THR A 6 5.20 -2.94 -0.05
N ILE A 7 5.85 -3.17 1.11
CA ILE A 7 6.92 -2.27 1.63
C ILE A 7 8.24 -2.99 1.18
N DPR A 8 9.01 -2.58 0.10
CA DPR A 8 10.11 -3.42 -0.44
CB DPR A 8 11.00 -2.37 -1.12
CG DPR A 8 10.07 -1.24 -1.58
CD DPR A 8 8.93 -1.26 -0.57
C DPR A 8 9.54 -4.57 -1.35
O DPR A 8 9.34 -4.40 -2.55
HA DPR A 8 10.66 -3.88 0.41
HB2 DPR A 8 11.72 -1.99 -0.39
HB3 DPR A 8 11.58 -2.81 -1.96
HG2 DPR A 8 10.59 -0.26 -1.62
HG3 DPR A 8 9.69 -1.45 -2.59
HD2 DPR A 8 9.02 -0.48 0.21
HD3 DPR A 8 7.93 -1.12 -1.02
N SER A 9 9.25 -5.71 -0.68
CA SER A 9 8.49 -6.86 -1.24
C SER A 9 7.42 -7.46 -0.27
N TYR A 10 7.24 -6.86 0.94
CA TYR A 10 6.45 -7.46 2.05
C TYR A 10 5.01 -6.92 1.98
N THR A 11 4.05 -7.74 1.50
CA THR A 11 2.66 -7.31 1.17
C THR A 11 1.79 -7.25 2.47
N PHE A 12 0.94 -6.20 2.54
CA PHE A 12 -0.12 -6.07 3.56
C PHE A 12 -1.38 -5.61 2.80
N ARG A 13 -2.54 -6.25 3.05
CA ARG A 13 -3.79 -6.00 2.27
C ARG A 13 -4.91 -5.70 3.30
N GLY A 14 -5.51 -4.49 3.22
CA GLY A 14 -6.58 -4.04 4.15
C GLY A 14 -7.51 -2.91 3.59
N PRO A 15 -8.44 -2.16 4.32
CA PRO A 15 -9.43 -1.22 3.67
C PRO A 15 -9.21 0.32 3.93
N GLY A 16 -7.95 0.71 3.76
CA GLY A 16 -7.42 1.99 4.26
C GLY A 16 -6.19 2.45 3.50
N CYS A 17 -6.32 3.53 2.69
CA CYS A 17 -5.18 4.09 1.91
C CYS A 17 -4.48 5.25 2.73
N PRO A 18 -3.26 5.15 3.38
CA PRO A 18 -2.57 6.32 4.00
C PRO A 18 -1.73 7.15 2.96
N THR A 19 -1.30 8.38 3.36
CA THR A 19 -0.32 9.20 2.59
C THR A 19 1.11 8.68 2.94
N LEU A 20 1.88 8.37 1.88
CA LEU A 20 3.16 7.61 1.98
C LEU A 20 4.25 8.21 1.06
N LYS A 21 5.51 8.18 1.54
CA LYS A 21 6.73 8.67 0.83
C LYS A 21 7.14 7.87 -0.49
N PRO A 22 8.11 8.22 -1.42
CA PRO A 22 8.33 7.46 -2.68
C PRO A 22 9.13 6.13 -2.47
N DAL A 23 8.76 5.11 -3.26
CA DAL A 23 9.32 3.73 -3.14
CB DAL A 23 9.64 3.27 -4.57
C DAL A 23 8.42 2.64 -2.46
O DAL A 23 8.99 1.58 -2.14
H DAL A 23 8.01 5.33 -3.91
HA DAL A 23 10.27 3.75 -2.59
HB1 DAL A 23 10.36 3.96 -5.08
HB2 DAL A 23 10.10 2.27 -4.59
HB3 DAL A 23 8.73 3.23 -5.20
N ILE A 24 7.10 2.84 -2.29
CA ILE A 24 6.13 1.79 -1.86
C ILE A 24 5.19 1.72 -3.10
N THR A 25 4.99 0.51 -3.64
CA THR A 25 3.94 0.25 -4.69
C THR A 25 2.51 -0.02 -4.11
N VAL A 26 2.05 1.09 -3.57
CA VAL A 26 0.75 1.30 -2.88
C VAL A 26 -0.29 1.61 -4.00
N ARG A 27 -1.25 0.68 -4.15
CA ARG A 27 -2.20 0.65 -5.29
C ARG A 27 -3.61 0.68 -4.62
N CYS A 28 -4.14 1.90 -4.45
CA CYS A 28 -5.40 2.18 -3.71
C CYS A 28 -6.65 1.75 -4.53
N GLU A 29 -7.59 1.06 -3.85
CA GLU A 29 -8.79 0.34 -4.41
C GLU A 29 -8.42 -0.66 -5.54
N SER A 1 -12.79 -0.26 -1.28
CA SER A 1 -11.49 0.43 -1.46
C SER A 1 -10.45 -0.24 -0.54
N LYS A 2 -9.32 -0.69 -1.15
CA LYS A 2 -8.19 -1.35 -0.43
C LYS A 2 -6.83 -0.85 -0.99
N TYR A 3 -5.84 -0.66 -0.08
CA TYR A 3 -4.42 -0.47 -0.41
C TYR A 3 -3.78 -1.87 -0.45
N GLU A 4 -3.17 -2.21 -1.60
CA GLU A 4 -2.29 -3.41 -1.72
C GLU A 4 -0.92 -2.71 -1.78
N TYR A 5 -0.26 -2.66 -0.61
CA TYR A 5 0.91 -1.79 -0.41
C TYR A 5 2.09 -2.64 0.07
N THR A 6 2.96 -3.06 -0.89
CA THR A 6 4.21 -3.82 -0.64
C THR A 6 5.31 -2.82 -0.24
N ILE A 7 5.88 -3.05 0.97
CA ILE A 7 6.98 -2.22 1.53
C ILE A 7 8.29 -2.98 1.04
N DPR A 8 9.14 -2.53 0.03
CA DPR A 8 10.20 -3.38 -0.56
CB DPR A 8 11.13 -2.33 -1.21
CG DPR A 8 10.26 -1.13 -1.57
CD DPR A 8 9.15 -1.15 -0.51
C DPR A 8 9.56 -4.43 -1.51
O DPR A 8 9.26 -4.16 -2.68
HA DPR A 8 10.74 -3.88 0.28
HB2 DPR A 8 11.89 -2.03 -0.47
HB3 DPR A 8 11.67 -2.74 -2.07
HG2 DPR A 8 10.84 -0.18 -1.57
HG3 DPR A 8 9.83 -1.27 -2.57
HD2 DPR A 8 9.33 -0.44 0.31
HD3 DPR A 8 8.16 -0.90 -0.93
N SER A 9 9.31 -5.62 -0.93
CA SER A 9 8.46 -6.70 -1.50
C SER A 9 7.54 -7.37 -0.41
N TYR A 10 7.19 -6.62 0.68
CA TYR A 10 6.52 -7.17 1.88
C TYR A 10 5.07 -6.64 1.87
N THR A 11 4.13 -7.51 1.44
CA THR A 11 2.71 -7.12 1.15
C THR A 11 1.90 -7.00 2.48
N PHE A 12 1.06 -5.95 2.52
CA PHE A 12 0.10 -5.69 3.62
C PHE A 12 -1.21 -5.25 2.91
N ARG A 13 -2.35 -5.79 3.36
CA ARG A 13 -3.65 -5.64 2.63
C ARG A 13 -4.77 -5.45 3.68
N GLY A 14 -5.57 -4.36 3.56
CA GLY A 14 -6.69 -4.07 4.49
C GLY A 14 -7.79 -3.07 3.95
N PRO A 15 -8.60 -2.26 4.72
CA PRO A 15 -9.73 -1.44 4.16
C PRO A 15 -9.54 0.12 4.12
N GLY A 16 -8.31 0.47 3.70
CA GLY A 16 -7.76 1.82 3.87
C GLY A 16 -6.81 2.24 2.73
N CYS A 17 -6.54 3.56 2.62
CA CYS A 17 -5.48 4.14 1.74
C CYS A 17 -4.93 5.42 2.48
N PRO A 18 -3.91 5.40 3.42
CA PRO A 18 -3.24 6.64 3.93
C PRO A 18 -2.15 7.19 2.93
N THR A 19 -1.57 8.38 3.21
CA THR A 19 -0.37 8.90 2.46
C THR A 19 0.92 8.10 2.85
N LEU A 20 1.74 7.78 1.84
CA LEU A 20 2.86 6.79 1.94
C LEU A 20 4.10 7.29 1.15
N LYS A 21 5.29 7.07 1.75
CA LYS A 21 6.61 7.54 1.27
C LYS A 21 7.03 7.11 -0.20
N PRO A 22 8.01 7.74 -0.95
CA PRO A 22 8.38 7.31 -2.33
C PRO A 22 9.18 5.97 -2.37
N DAL A 23 8.89 5.15 -3.39
CA DAL A 23 9.40 3.76 -3.52
CB DAL A 23 9.49 3.46 -5.02
C DAL A 23 8.62 2.62 -2.82
O DAL A 23 9.19 1.54 -2.68
H DAL A 23 8.18 5.53 -4.05
HA DAL A 23 10.44 3.73 -3.12
HB1 DAL A 23 8.49 3.49 -5.50
HB2 DAL A 23 9.92 2.46 -5.21
HB3 DAL A 23 10.13 4.19 -5.55
N ILE A 24 7.33 2.81 -2.41
CA ILE A 24 6.43 1.72 -1.94
C ILE A 24 5.45 1.59 -3.17
N THR A 25 5.21 0.33 -3.60
CA THR A 25 4.22 0.00 -4.66
C THR A 25 2.80 -0.14 -3.99
N VAL A 26 2.17 1.02 -3.98
CA VAL A 26 0.90 1.32 -3.26
C VAL A 26 -0.16 1.29 -4.42
N ARG A 27 -1.15 0.38 -4.31
CA ARG A 27 -2.30 0.31 -5.24
C ARG A 27 -3.54 0.76 -4.38
N CYS A 28 -3.77 2.09 -4.39
CA CYS A 28 -4.75 2.78 -3.51
C CYS A 28 -6.19 2.64 -4.03
N GLU A 29 -7.12 2.26 -3.12
CA GLU A 29 -8.58 2.05 -3.38
C GLU A 29 -8.88 0.94 -4.42
N SER A 1 -12.89 -0.01 -0.11
CA SER A 1 -11.61 0.66 -0.42
C SER A 1 -10.46 -0.09 0.29
N LYS A 2 -9.41 -0.46 -0.48
CA LYS A 2 -8.19 -1.12 0.04
C LYS A 2 -6.89 -0.33 -0.37
N TYR A 3 -5.74 -0.78 0.18
CA TYR A 3 -4.37 -0.43 -0.23
C TYR A 3 -3.74 -1.82 -0.42
N GLU A 4 -3.16 -2.06 -1.62
CA GLU A 4 -2.33 -3.26 -1.86
C GLU A 4 -0.93 -2.62 -1.87
N TYR A 5 -0.28 -2.72 -0.69
CA TYR A 5 0.91 -1.91 -0.39
C TYR A 5 2.03 -2.87 0.06
N THR A 6 2.97 -3.17 -0.87
CA THR A 6 4.23 -3.88 -0.58
C THR A 6 5.27 -2.81 -0.19
N ILE A 7 5.90 -3.03 0.98
CA ILE A 7 7.02 -2.18 1.48
C ILE A 7 8.31 -2.96 0.98
N DPR A 8 9.12 -2.57 -0.08
CA DPR A 8 10.17 -3.46 -0.64
CB DPR A 8 11.10 -2.45 -1.33
CG DPR A 8 10.23 -1.26 -1.74
CD DPR A 8 9.13 -1.22 -0.71
C DPR A 8 9.54 -4.55 -1.55
O DPR A 8 9.29 -4.35 -2.75
HA DPR A 8 10.72 -3.93 0.20
HB2 DPR A 8 11.86 -2.10 -0.60
HB3 DPR A 8 11.65 -2.89 -2.18
HG2 DPR A 8 10.81 -0.31 -1.80
HG3 DPR A 8 9.81 -1.45 -2.75
HD2 DPR A 8 9.30 -0.46 0.09
HD3 DPR A 8 8.13 -0.99 -1.13
N SER A 9 9.24 -5.70 -0.91
CA SER A 9 8.40 -6.81 -1.46
C SER A 9 7.36 -7.38 -0.44
N TYR A 10 7.17 -6.73 0.73
CA TYR A 10 6.41 -7.28 1.89
C TYR A 10 4.96 -6.75 1.84
N THR A 11 4.02 -7.57 1.33
CA THR A 11 2.60 -7.15 1.07
C THR A 11 1.78 -7.23 2.40
N PHE A 12 0.96 -6.20 2.64
CA PHE A 12 -0.08 -6.20 3.70
C PHE A 12 -1.35 -5.61 3.02
N ARG A 13 -2.53 -6.24 3.17
CA ARG A 13 -3.77 -5.84 2.44
C ARG A 13 -4.91 -5.68 3.48
N GLY A 14 -5.53 -4.47 3.53
CA GLY A 14 -6.59 -4.14 4.52
C GLY A 14 -7.69 -3.12 4.03
N PRO A 15 -8.46 -2.29 4.84
CA PRO A 15 -9.64 -1.50 4.35
C PRO A 15 -9.51 0.08 4.30
N GLY A 16 -8.33 0.48 3.82
CA GLY A 16 -7.82 1.85 3.96
C GLY A 16 -6.78 2.21 2.87
N CYS A 17 -6.65 3.52 2.55
CA CYS A 17 -5.60 4.02 1.61
C CYS A 17 -4.95 5.34 2.20
N PRO A 18 -3.95 5.35 3.16
CA PRO A 18 -3.18 6.57 3.54
C PRO A 18 -2.05 6.92 2.50
N THR A 19 -1.57 8.19 2.50
CA THR A 19 -0.36 8.62 1.73
C THR A 19 0.96 8.12 2.41
N LEU A 20 1.96 7.74 1.58
CA LEU A 20 3.22 7.09 2.04
C LEU A 20 4.41 7.66 1.22
N LYS A 21 5.59 7.84 1.88
CA LYS A 21 6.82 8.41 1.27
C LYS A 21 7.36 7.67 -0.05
N PRO A 22 8.41 8.06 -0.86
CA PRO A 22 8.69 7.43 -2.18
C PRO A 22 9.39 6.05 -2.08
N DAL A 23 9.13 5.17 -3.09
CA DAL A 23 9.62 3.78 -3.14
CB DAL A 23 9.94 3.45 -4.60
C DAL A 23 8.69 2.67 -2.56
O DAL A 23 9.24 1.61 -2.24
H DAL A 23 8.49 5.55 -3.80
HA DAL A 23 10.57 3.69 -2.58
HB1 DAL A 23 10.67 4.16 -5.02
HB2 DAL A 23 10.36 2.45 -4.71
HB3 DAL A 23 9.03 3.51 -5.23
N ILE A 24 7.36 2.85 -2.48
CA ILE A 24 6.38 1.82 -2.02
C ILE A 24 5.39 1.77 -3.22
N THR A 25 5.16 0.56 -3.78
CA THR A 25 4.07 0.33 -4.78
C THR A 25 2.67 0.05 -4.15
N VAL A 26 2.23 1.19 -3.64
CA VAL A 26 0.95 1.43 -2.93
C VAL A 26 -0.09 1.80 -4.03
N ARG A 27 -1.11 0.94 -4.16
CA ARG A 27 -2.08 0.95 -5.28
C ARG A 27 -3.45 0.76 -4.57
N CYS A 28 -4.19 1.88 -4.47
CA CYS A 28 -5.54 1.95 -3.84
C CYS A 28 -6.60 1.14 -4.63
N GLU A 29 -7.35 0.29 -3.90
CA GLU A 29 -8.37 -0.69 -4.41
C GLU A 29 -7.68 -1.84 -5.18
N SER A 1 -12.93 -1.23 -1.28
CA SER A 1 -11.77 -0.32 -1.34
C SER A 1 -10.63 -0.90 -0.48
N LYS A 2 -9.44 -1.07 -1.11
CA LYS A 2 -8.21 -1.58 -0.42
C LYS A 2 -6.92 -0.89 -1.00
N TYR A 3 -5.93 -0.62 -0.12
CA TYR A 3 -4.54 -0.32 -0.48
C TYR A 3 -3.84 -1.71 -0.50
N GLU A 4 -3.21 -2.06 -1.66
CA GLU A 4 -2.33 -3.24 -1.76
C GLU A 4 -0.96 -2.53 -1.74
N TYR A 5 -0.36 -2.56 -0.54
CA TYR A 5 0.78 -1.70 -0.23
C TYR A 5 1.97 -2.57 0.18
N THR A 6 2.83 -2.90 -0.81
CA THR A 6 4.04 -3.74 -0.63
C THR A 6 5.19 -2.77 -0.27
N ILE A 7 5.78 -3.03 0.89
CA ILE A 7 6.83 -2.19 1.52
C ILE A 7 8.17 -2.94 1.12
N DPR A 8 9.10 -2.47 0.22
CA DPR A 8 10.33 -3.24 -0.15
CB DPR A 8 11.25 -2.17 -0.74
CG DPR A 8 10.34 -1.07 -1.30
CD DPR A 8 9.15 -1.10 -0.35
C DPR A 8 9.99 -4.46 -1.07
O DPR A 8 9.93 -4.35 -2.30
HA DPR A 8 10.79 -3.61 0.79
HB2 DPR A 8 11.89 -1.75 0.06
HB3 DPR A 8 11.94 -2.57 -1.52
HG2 DPR A 8 10.83 -0.08 -1.34
HG3 DPR A 8 10.01 -1.34 -2.32
HD2 DPR A 8 9.24 -0.38 0.50
HD3 DPR A 8 8.18 -0.86 -0.84
N SER A 9 9.72 -5.59 -0.39
CA SER A 9 9.15 -6.83 -0.99
C SER A 9 7.95 -7.45 -0.18
N TYR A 10 7.56 -6.84 0.96
CA TYR A 10 6.61 -7.42 1.94
C TYR A 10 5.20 -6.88 1.64
N THR A 11 4.23 -7.74 1.22
CA THR A 11 2.84 -7.29 0.85
C THR A 11 1.98 -7.22 2.14
N PHE A 12 1.27 -6.08 2.29
CA PHE A 12 0.31 -5.85 3.41
C PHE A 12 -0.99 -5.34 2.73
N ARG A 13 -2.14 -5.88 3.18
CA ARG A 13 -3.45 -5.66 2.47
C ARG A 13 -4.53 -5.45 3.56
N GLY A 14 -5.29 -4.33 3.48
CA GLY A 14 -6.34 -3.99 4.47
C GLY A 14 -7.48 -3.02 3.99
N PRO A 15 -8.30 -2.25 4.81
CA PRO A 15 -9.47 -1.45 4.30
C PRO A 15 -9.32 0.12 4.28
N GLY A 16 -8.13 0.50 3.82
CA GLY A 16 -7.58 1.86 3.96
C GLY A 16 -6.83 2.35 2.71
N CYS A 17 -6.63 3.68 2.59
CA CYS A 17 -5.74 4.30 1.57
C CYS A 17 -5.08 5.59 2.22
N PRO A 18 -4.02 5.54 3.11
CA PRO A 18 -3.25 6.75 3.52
C PRO A 18 -2.10 7.11 2.52
N THR A 19 -1.54 8.35 2.63
CA THR A 19 -0.29 8.74 1.89
C THR A 19 0.98 8.14 2.56
N LEU A 20 1.97 7.74 1.73
CA LEU A 20 3.17 6.96 2.18
C LEU A 20 4.45 7.45 1.43
N LYS A 21 5.62 7.39 2.12
CA LYS A 21 6.99 7.59 1.57
C LYS A 21 7.28 7.12 0.07
N PRO A 22 8.20 7.66 -0.82
CA PRO A 22 8.38 7.14 -2.20
C PRO A 22 9.09 5.75 -2.26
N DAL A 23 8.72 4.93 -3.27
CA DAL A 23 9.19 3.53 -3.42
CB DAL A 23 9.31 3.26 -4.92
C DAL A 23 8.32 2.40 -2.77
O DAL A 23 8.89 1.32 -2.57
H DAL A 23 8.01 5.34 -3.89
HA DAL A 23 10.20 3.43 -2.99
HB1 DAL A 23 8.33 3.33 -5.42
HB2 DAL A 23 10.00 3.97 -5.41
HB3 DAL A 23 9.71 2.24 -5.12
N ILE A 24 7.02 2.61 -2.50
CA ILE A 24 6.06 1.56 -2.01
C ILE A 24 5.07 1.47 -3.20
N THR A 25 4.85 0.23 -3.72
CA THR A 25 3.74 -0.03 -4.73
C THR A 25 2.33 -0.18 -4.08
N VAL A 26 1.91 1.02 -3.78
CA VAL A 26 0.69 1.38 -3.00
C VAL A 26 -0.40 1.66 -4.09
N ARG A 27 -1.39 0.76 -4.11
CA ARG A 27 -2.43 0.67 -5.17
C ARG A 27 -3.76 0.94 -4.42
N CYS A 28 -4.12 2.25 -4.40
CA CYS A 28 -5.22 2.82 -3.57
C CYS A 28 -6.62 2.46 -4.12
N GLU A 29 -7.50 1.99 -3.20
CA GLU A 29 -8.92 1.57 -3.45
C GLU A 29 -8.99 0.33 -4.36
N SER A 1 -11.85 2.05 1.45
CA SER A 1 -10.92 2.03 0.29
C SER A 1 -9.72 1.14 0.63
N LYS A 2 -9.45 0.15 -0.23
CA LYS A 2 -8.33 -0.84 -0.08
C LYS A 2 -6.97 -0.23 -0.56
N TYR A 3 -5.87 -0.82 -0.06
CA TYR A 3 -4.48 -0.60 -0.52
C TYR A 3 -3.87 -2.02 -0.62
N GLU A 4 -3.21 -2.31 -1.76
CA GLU A 4 -2.38 -3.53 -1.93
C GLU A 4 -0.98 -2.89 -1.92
N TYR A 5 -0.34 -2.94 -0.73
CA TYR A 5 0.85 -2.14 -0.45
C TYR A 5 1.99 -3.04 0.06
N THR A 6 2.96 -3.36 -0.84
CA THR A 6 4.25 -4.00 -0.52
C THR A 6 5.24 -2.92 -0.06
N ILE A 7 5.88 -3.18 1.10
CA ILE A 7 6.95 -2.29 1.65
C ILE A 7 8.26 -3.03 1.19
N DPR A 8 9.05 -2.62 0.12
CA DPR A 8 10.15 -3.47 -0.42
CB DPR A 8 11.06 -2.42 -1.08
CG DPR A 8 10.15 -1.26 -1.53
CD DPR A 8 8.99 -1.28 -0.52
C DPR A 8 9.57 -4.59 -1.34
O DPR A 8 9.38 -4.40 -2.55
HA DPR A 8 10.69 -3.93 0.42
HB2 DPR A 8 11.77 -2.05 -0.33
HB3 DPR A 8 11.64 -2.84 -1.91
HG2 DPR A 8 10.68 -0.28 -1.55
HG3 DPR A 8 9.77 -1.46 -2.54
HD2 DPR A 8 9.08 -0.51 0.27
HD3 DPR A 8 7.99 -1.13 -0.97
N SER A 9 9.27 -5.73 -0.71
CA SER A 9 8.49 -6.86 -1.29
C SER A 9 7.40 -7.46 -0.35
N TYR A 10 7.22 -6.89 0.87
CA TYR A 10 6.41 -7.50 1.96
C TYR A 10 4.97 -6.93 1.89
N THR A 11 4.01 -7.73 1.38
CA THR A 11 2.63 -7.26 1.06
C THR A 11 1.75 -7.23 2.36
N PHE A 12 0.90 -6.19 2.45
CA PHE A 12 -0.16 -6.08 3.49
C PHE A 12 -1.44 -5.61 2.75
N ARG A 13 -2.58 -6.29 2.99
CA ARG A 13 -3.84 -6.04 2.24
C ARG A 13 -4.97 -5.93 3.29
N GLY A 14 -5.65 -4.76 3.33
CA GLY A 14 -6.72 -4.47 4.31
C GLY A 14 -7.70 -3.29 3.93
N PRO A 15 -8.35 -2.44 4.83
CA PRO A 15 -9.40 -1.45 4.40
C PRO A 15 -9.03 0.08 4.45
N GLY A 16 -7.79 0.33 4.02
CA GLY A 16 -7.08 1.60 4.19
C GLY A 16 -6.45 2.11 2.89
N CYS A 17 -6.27 3.44 2.77
CA CYS A 17 -5.48 4.10 1.68
C CYS A 17 -4.78 5.35 2.31
N PRO A 18 -3.64 5.30 3.11
CA PRO A 18 -2.95 6.50 3.65
C PRO A 18 -1.96 7.15 2.63
N THR A 19 -1.54 8.42 2.89
CA THR A 19 -0.43 9.09 2.14
C THR A 19 0.97 8.57 2.63
N LEU A 20 1.90 8.36 1.68
CA LEU A 20 3.18 7.62 1.91
C LEU A 20 4.33 8.21 1.04
N LYS A 21 5.57 8.19 1.59
CA LYS A 21 6.81 8.66 0.94
C LYS A 21 7.27 7.86 -0.37
N PRO A 22 8.28 8.20 -1.25
CA PRO A 22 8.53 7.45 -2.52
C PRO A 22 9.29 6.11 -2.30
N DAL A 23 8.93 5.11 -3.12
CA DAL A 23 9.46 3.72 -3.00
CB DAL A 23 9.79 3.27 -4.43
C DAL A 23 8.54 2.64 -2.34
O DAL A 23 9.08 1.58 -2.01
H DAL A 23 8.20 5.35 -3.79
HA DAL A 23 10.41 3.71 -2.44
HB1 DAL A 23 10.52 3.94 -4.92
HB2 DAL A 23 8.89 3.24 -5.07
HB3 DAL A 23 10.25 2.26 -4.44
N ILE A 24 7.22 2.86 -2.19
CA ILE A 24 6.24 1.82 -1.77
C ILE A 24 5.31 1.77 -3.02
N THR A 25 5.13 0.56 -3.60
CA THR A 25 4.09 0.32 -4.67
C THR A 25 2.66 0.03 -4.10
N VAL A 26 2.18 1.14 -3.57
CA VAL A 26 0.86 1.33 -2.91
C VAL A 26 -0.15 1.66 -4.05
N ARG A 27 -1.12 0.74 -4.22
CA ARG A 27 -2.05 0.73 -5.38
C ARG A 27 -3.46 0.64 -4.74
N CYS A 28 -4.10 1.81 -4.56
CA CYS A 28 -5.39 1.95 -3.84
C CYS A 28 -6.59 1.40 -4.65
N GLU A 29 -7.13 0.25 -4.15
CA GLU A 29 -8.31 -0.51 -4.68
C GLU A 29 -7.94 -1.19 -6.00
N SER A 1 -12.52 0.22 0.12
CA SER A 1 -11.32 0.26 -0.72
C SER A 1 -10.12 -0.34 0.06
N LYS A 2 -9.39 -1.27 -0.58
CA LYS A 2 -8.15 -1.88 -0.01
C LYS A 2 -6.92 -1.34 -0.78
N TYR A 3 -5.94 -0.79 -0.04
CA TYR A 3 -4.59 -0.45 -0.53
C TYR A 3 -3.74 -1.76 -0.44
N GLU A 4 -3.10 -2.10 -1.58
CA GLU A 4 -2.20 -3.26 -1.67
C GLU A 4 -0.83 -2.54 -1.70
N TYR A 5 -0.19 -2.54 -0.52
CA TYR A 5 0.98 -1.68 -0.25
C TYR A 5 2.15 -2.60 0.17
N THR A 6 2.96 -3.03 -0.84
CA THR A 6 4.17 -3.88 -0.66
C THR A 6 5.33 -2.95 -0.26
N ILE A 7 5.97 -3.25 0.89
CA ILE A 7 7.10 -2.44 1.44
C ILE A 7 8.39 -3.19 0.91
N DPR A 8 9.18 -2.73 -0.12
CA DPR A 8 10.24 -3.57 -0.74
CB DPR A 8 11.18 -2.52 -1.36
CG DPR A 8 10.31 -1.30 -1.70
CD DPR A 8 9.18 -1.35 -0.67
C DPR A 8 9.61 -4.61 -1.72
O DPR A 8 9.39 -4.34 -2.91
HA DPR A 8 10.80 -4.10 0.06
HB2 DPR A 8 11.92 -2.22 -0.60
HB3 DPR A 8 11.72 -2.91 -2.23
HG2 DPR A 8 10.87 -0.35 -1.68
HG3 DPR A 8 9.89 -1.42 -2.72
HD2 DPR A 8 9.32 -0.64 0.17
HD3 DPR A 8 8.17 -1.11 -1.09
N SER A 9 9.27 -5.79 -1.14
CA SER A 9 8.43 -6.84 -1.78
C SER A 9 7.36 -7.46 -0.80
N TYR A 10 7.28 -6.98 0.47
CA TYR A 10 6.50 -7.62 1.56
C TYR A 10 5.10 -6.98 1.58
N THR A 11 4.05 -7.78 1.23
CA THR A 11 2.68 -7.25 1.00
C THR A 11 1.91 -7.15 2.35
N PHE A 12 1.17 -6.04 2.50
CA PHE A 12 0.20 -5.82 3.59
C PHE A 12 -1.10 -5.27 2.92
N ARG A 13 -2.28 -5.72 3.37
CA ARG A 13 -3.57 -5.45 2.68
C ARG A 13 -4.61 -5.15 3.79
N GLY A 14 -5.17 -3.91 3.78
CA GLY A 14 -6.16 -3.45 4.80
C GLY A 14 -7.39 -2.68 4.24
N PRO A 15 -8.22 -1.80 4.95
CA PRO A 15 -9.48 -1.20 4.38
C PRO A 15 -9.48 0.36 4.12
N GLY A 16 -8.35 0.80 3.57
CA GLY A 16 -7.97 2.22 3.52
C GLY A 16 -7.12 2.63 2.30
N CYS A 17 -6.82 3.94 2.25
CA CYS A 17 -5.82 4.53 1.31
C CYS A 17 -5.10 5.67 2.12
N PRO A 18 -4.06 5.45 3.02
CA PRO A 18 -3.32 6.55 3.70
C PRO A 18 -2.20 7.18 2.80
N THR A 19 -1.65 8.36 3.20
CA THR A 19 -0.44 8.97 2.55
C THR A 19 0.85 8.19 2.97
N LEU A 20 1.72 7.93 1.99
CA LEU A 20 2.86 6.97 2.10
C LEU A 20 4.13 7.49 1.35
N LYS A 21 5.31 7.16 1.93
CA LYS A 21 6.64 7.65 1.51
C LYS A 21 7.13 7.22 0.05
N PRO A 22 8.24 7.73 -0.62
CA PRO A 22 8.62 7.29 -1.99
C PRO A 22 9.34 5.91 -2.00
N DAL A 23 9.06 5.12 -3.06
CA DAL A 23 9.55 3.71 -3.18
CB DAL A 23 9.70 3.45 -4.69
C DAL A 23 8.67 2.58 -2.57
O DAL A 23 9.20 1.46 -2.47
H DAL A 23 8.42 5.53 -3.74
HA DAL A 23 10.55 3.63 -2.73
HB1 DAL A 23 10.41 4.17 -5.16
HB2 DAL A 23 8.74 3.54 -5.22
HB3 DAL A 23 10.11 2.45 -4.89
N ILE A 24 7.40 2.82 -2.16
CA ILE A 24 6.43 1.76 -1.78
C ILE A 24 5.46 1.78 -3.00
N THR A 25 5.17 0.59 -3.58
CA THR A 25 4.09 0.42 -4.60
C THR A 25 2.74 0.16 -3.89
N VAL A 26 2.06 1.29 -3.88
CA VAL A 26 0.81 1.55 -3.13
C VAL A 26 -0.25 1.56 -4.28
N ARG A 27 -1.20 0.62 -4.20
CA ARG A 27 -2.22 0.36 -5.25
C ARG A 27 -3.58 0.45 -4.52
N CYS A 28 -4.18 1.66 -4.56
CA CYS A 28 -5.45 2.00 -3.86
C CYS A 28 -6.67 1.33 -4.55
N GLU A 29 -7.57 0.74 -3.73
CA GLU A 29 -8.72 -0.15 -4.12
C GLU A 29 -8.23 -1.43 -4.82
#